data_2KRB
#
_entry.id   2KRB
#
loop_
_entity.id
_entity.type
_entity.pdbx_description
1 polymer 'Eukaryotic translation initiation factor 3 subunit B'
2 polymer 'Eukaryotic translation initiation factor 3 subunit J'
#
loop_
_entity_poly.entity_id
_entity_poly.type
_entity_poly.pdbx_seq_one_letter_code
_entity_poly.pdbx_strand_id
1 'polypeptide(L)'
;DSVIVVDNVPQVGPDRLEKLKNVIHKIFSKFGKITNDFYPEEDGKTKGYIFLEYASPAHAVDAVKNADGYKLDKQHTFRV
N
;
A
2 'polypeptide(L)' DEDVKDNWDDD B
#
# COMPACT_ATOMS: atom_id res chain seq x y z
N ASP A 1 8.17 -8.68 -12.48
CA ASP A 1 9.21 -7.96 -11.73
C ASP A 1 9.12 -6.41 -11.77
N SER A 2 7.96 -5.87 -12.20
CA SER A 2 7.67 -4.44 -12.37
C SER A 2 6.47 -3.95 -11.53
N VAL A 3 5.93 -4.80 -10.67
CA VAL A 3 4.70 -4.55 -9.91
C VAL A 3 4.81 -5.05 -8.48
N ILE A 4 3.88 -4.61 -7.61
CA ILE A 4 3.82 -4.98 -6.21
C ILE A 4 2.39 -5.38 -5.82
N VAL A 5 2.31 -6.21 -4.79
CA VAL A 5 1.07 -6.71 -4.21
C VAL A 5 1.21 -6.73 -2.70
N VAL A 6 0.10 -6.45 -2.02
CA VAL A 6 0.00 -6.44 -0.56
C VAL A 6 -1.14 -7.36 -0.14
N ASP A 7 -1.01 -7.91 1.06
CA ASP A 7 -1.98 -8.80 1.69
C ASP A 7 -2.36 -8.28 3.08
N ASN A 8 -3.46 -8.78 3.65
CA ASN A 8 -4.06 -8.37 4.93
C ASN A 8 -4.49 -6.88 4.94
N VAL A 9 -4.97 -6.34 3.81
CA VAL A 9 -5.42 -4.94 3.65
C VAL A 9 -6.96 -4.84 3.62
N PRO A 10 -7.62 -4.82 4.79
CA PRO A 10 -9.06 -4.64 4.88
C PRO A 10 -9.46 -3.21 4.50
N GLN A 11 -10.71 -3.02 4.10
CA GLN A 11 -11.29 -1.69 3.96
C GLN A 11 -11.56 -1.03 5.33
N VAL A 12 -11.90 0.25 5.31
CA VAL A 12 -12.28 1.08 6.46
C VAL A 12 -13.46 1.99 6.07
N GLY A 13 -14.08 2.61 7.08
CA GLY A 13 -15.21 3.53 6.93
C GLY A 13 -14.83 4.90 6.31
N PRO A 14 -15.82 5.81 6.23
CA PRO A 14 -15.63 7.17 5.69
C PRO A 14 -14.61 7.95 6.53
N ASP A 15 -14.18 9.11 6.01
CA ASP A 15 -13.19 10.00 6.63
C ASP A 15 -11.79 9.35 6.82
N ARG A 16 -11.60 8.14 6.27
CA ARG A 16 -10.37 7.31 6.33
C ARG A 16 -10.14 6.44 5.09
N LEU A 17 -11.19 5.99 4.38
CA LEU A 17 -11.04 5.18 3.16
C LEU A 17 -10.08 5.77 2.10
N GLU A 18 -10.01 7.10 2.00
CA GLU A 18 -9.17 7.85 1.07
C GLU A 18 -7.71 7.66 1.47
N LYS A 19 -7.39 7.85 2.76
CA LYS A 19 -6.10 7.61 3.42
C LYS A 19 -5.51 6.28 2.97
N LEU A 20 -6.33 5.22 2.87
CA LEU A 20 -5.93 3.89 2.43
C LEU A 20 -5.08 3.92 1.14
N LYS A 21 -5.58 4.53 0.06
CA LYS A 21 -4.86 4.72 -1.21
C LYS A 21 -3.95 5.95 -1.19
N ASN A 22 -4.31 6.99 -0.42
CA ASN A 22 -3.48 8.18 -0.28
C ASN A 22 -2.11 7.85 0.31
N VAL A 23 -2.07 7.26 1.52
CA VAL A 23 -0.83 6.89 2.23
C VAL A 23 0.06 6.02 1.36
N ILE A 24 -0.53 5.12 0.54
CA ILE A 24 0.15 4.34 -0.50
C ILE A 24 1.03 5.27 -1.35
N HIS A 25 0.48 6.36 -1.89
CA HIS A 25 1.24 7.30 -2.73
C HIS A 25 2.36 7.98 -1.95
N LYS A 26 2.13 8.36 -0.68
CA LYS A 26 3.15 9.01 0.17
C LYS A 26 4.27 8.04 0.55
N ILE A 27 3.95 6.86 1.07
CA ILE A 27 4.96 5.87 1.45
C ILE A 27 5.82 5.45 0.27
N PHE A 28 5.19 5.23 -0.88
CA PHE A 28 5.89 4.74 -2.06
C PHE A 28 6.54 5.86 -2.90
N SER A 29 6.33 7.12 -2.51
CA SER A 29 6.89 8.31 -3.17
C SER A 29 8.42 8.44 -2.97
N LYS A 30 8.99 7.93 -1.87
CA LYS A 30 10.47 7.98 -1.67
C LYS A 30 11.25 7.11 -2.66
N PHE A 31 10.62 6.08 -3.23
CA PHE A 31 11.21 5.16 -4.20
C PHE A 31 10.99 5.59 -5.65
N GLY A 32 10.04 6.50 -5.92
CA GLY A 32 9.65 6.93 -7.26
C GLY A 32 8.22 7.48 -7.31
N LYS A 33 7.51 7.28 -8.43
CA LYS A 33 6.13 7.69 -8.63
C LYS A 33 5.30 6.51 -9.14
N ILE A 34 4.21 6.18 -8.43
CA ILE A 34 3.25 5.14 -8.83
C ILE A 34 2.43 5.63 -10.02
N THR A 35 2.26 4.77 -11.03
CA THR A 35 1.49 5.03 -12.26
C THR A 35 0.21 4.21 -12.36
N ASN A 36 0.12 3.04 -11.72
CA ASN A 36 -1.03 2.14 -11.76
C ASN A 36 -1.44 1.75 -10.33
N ASP A 37 -2.75 1.71 -10.08
CA ASP A 37 -3.32 1.43 -8.76
C ASP A 37 -4.72 0.80 -8.89
N PHE A 38 -4.91 -0.41 -8.33
CA PHE A 38 -6.17 -1.15 -8.37
C PHE A 38 -6.53 -1.72 -7.01
N TYR A 39 -7.78 -1.51 -6.60
CA TYR A 39 -8.37 -1.89 -5.33
C TYR A 39 -9.57 -2.83 -5.59
N PRO A 40 -9.34 -4.15 -5.80
CA PRO A 40 -10.41 -5.11 -6.03
C PRO A 40 -11.26 -5.31 -4.77
N GLU A 41 -12.41 -5.98 -4.90
CA GLU A 41 -13.34 -6.32 -3.81
C GLU A 41 -13.99 -7.69 -4.03
N GLU A 42 -14.74 -8.16 -3.02
CA GLU A 42 -15.47 -9.42 -3.02
C GLU A 42 -16.97 -9.14 -2.96
N ASP A 43 -17.71 -9.38 -4.06
CA ASP A 43 -19.16 -9.17 -4.14
C ASP A 43 -19.59 -7.73 -3.75
N GLY A 44 -18.71 -6.72 -3.96
CA GLY A 44 -18.96 -5.34 -3.51
C GLY A 44 -18.74 -5.11 -2.01
N LYS A 45 -18.13 -6.07 -1.29
CA LYS A 45 -17.85 -6.05 0.14
C LYS A 45 -16.35 -5.87 0.39
N THR A 46 -15.97 -5.84 1.66
CA THR A 46 -14.62 -5.54 2.18
C THR A 46 -13.53 -6.41 1.53
N LYS A 47 -12.59 -5.80 0.81
CA LYS A 47 -11.39 -6.46 0.30
C LYS A 47 -10.39 -6.86 1.39
N GLY A 48 -9.32 -7.53 0.97
CA GLY A 48 -8.14 -7.89 1.76
C GLY A 48 -6.79 -7.77 1.02
N TYR A 49 -6.78 -7.37 -0.26
CA TYR A 49 -5.59 -7.32 -1.12
C TYR A 49 -5.73 -6.13 -2.10
N ILE A 50 -4.61 -5.60 -2.58
CA ILE A 50 -4.54 -4.55 -3.61
C ILE A 50 -3.42 -4.87 -4.63
N PHE A 51 -3.44 -4.18 -5.78
CA PHE A 51 -2.48 -4.34 -6.85
C PHE A 51 -1.98 -2.97 -7.31
N LEU A 52 -0.66 -2.77 -7.28
CA LEU A 52 0.02 -1.54 -7.68
C LEU A 52 1.12 -1.87 -8.72
N GLU A 53 1.25 -1.06 -9.76
CA GLU A 53 2.28 -1.21 -10.78
C GLU A 53 3.08 0.10 -10.91
N TYR A 54 4.41 -0.04 -10.95
CA TYR A 54 5.32 1.07 -11.18
C TYR A 54 5.70 1.19 -12.66
N ALA A 55 6.26 2.35 -13.00
CA ALA A 55 6.77 2.66 -14.34
C ALA A 55 8.13 1.98 -14.63
N SER A 56 8.74 1.28 -13.65
CA SER A 56 10.07 0.65 -13.77
C SER A 56 10.22 -0.56 -12.83
N PRO A 57 11.06 -1.57 -13.18
CA PRO A 57 11.32 -2.73 -12.33
C PRO A 57 11.99 -2.32 -11.02
N ALA A 58 13.03 -1.48 -11.11
CA ALA A 58 13.81 -0.93 -10.00
C ALA A 58 12.96 -0.20 -8.94
N HIS A 59 11.71 0.18 -9.24
CA HIS A 59 10.77 0.75 -8.26
C HIS A 59 10.00 -0.34 -7.52
N ALA A 60 9.44 -1.31 -8.24
CA ALA A 60 8.73 -2.45 -7.68
C ALA A 60 9.64 -3.32 -6.82
N VAL A 61 10.75 -3.81 -7.39
CA VAL A 61 11.69 -4.71 -6.70
C VAL A 61 12.31 -4.05 -5.47
N ASP A 62 12.41 -2.72 -5.47
CA ASP A 62 12.83 -1.92 -4.33
C ASP A 62 11.69 -1.79 -3.30
N ALA A 63 10.50 -1.29 -3.70
CA ALA A 63 9.36 -1.06 -2.81
C ALA A 63 9.00 -2.31 -1.98
N VAL A 64 8.96 -3.48 -2.62
CA VAL A 64 8.73 -4.78 -1.94
C VAL A 64 9.75 -5.05 -0.81
N LYS A 65 11.01 -4.67 -1.01
CA LYS A 65 12.11 -4.82 -0.06
C LYS A 65 12.29 -3.63 0.89
N ASN A 66 11.39 -2.63 0.83
CA ASN A 66 11.44 -1.45 1.70
C ASN A 66 10.17 -1.26 2.54
N ALA A 67 9.01 -1.64 2.02
CA ALA A 67 7.72 -1.48 2.68
C ALA A 67 7.10 -2.81 3.14
N ASP A 68 7.90 -3.88 3.22
CA ASP A 68 7.52 -5.23 3.64
C ASP A 68 6.80 -5.26 5.00
N GLY A 69 5.47 -5.11 4.97
CA GLY A 69 4.63 -5.08 6.17
C GLY A 69 4.48 -3.65 6.68
N TYR A 70 3.32 -3.05 6.49
CA TYR A 70 3.02 -1.70 6.98
C TYR A 70 2.66 -1.69 8.48
N LYS A 71 3.00 -0.64 9.24
CA LYS A 71 2.69 -0.54 10.68
C LYS A 71 1.45 0.32 11.00
N LEU A 72 0.29 -0.08 10.48
CA LEU A 72 -1.01 0.60 10.69
C LEU A 72 -1.47 0.59 12.18
N ASP A 73 -0.82 -0.17 13.07
CA ASP A 73 -1.17 -0.31 14.49
C ASP A 73 -2.63 -0.75 14.71
N LYS A 74 -2.96 -1.99 14.28
CA LYS A 74 -4.31 -2.56 14.38
C LYS A 74 -4.35 -3.94 15.03
N GLN A 75 -3.95 -5.00 14.32
CA GLN A 75 -3.92 -6.39 14.81
C GLN A 75 -2.74 -7.17 14.20
N HIS A 76 -2.80 -7.45 12.89
CA HIS A 76 -1.80 -8.21 12.15
C HIS A 76 -1.14 -7.33 11.09
N THR A 77 0.14 -7.57 10.82
CA THR A 77 0.93 -6.89 9.78
C THR A 77 0.54 -7.35 8.38
N PHE A 78 0.92 -6.56 7.39
CA PHE A 78 0.74 -6.81 5.95
C PHE A 78 1.95 -7.56 5.39
N ARG A 79 1.87 -7.98 4.13
CA ARG A 79 2.93 -8.74 3.44
C ARG A 79 3.09 -8.26 2.00
N VAL A 80 3.97 -7.29 1.77
CA VAL A 80 4.26 -6.74 0.43
C VAL A 80 5.18 -7.70 -0.31
N ASN A 81 4.73 -8.25 -1.45
CA ASN A 81 5.46 -9.16 -2.31
C ASN A 81 5.24 -8.81 -3.80
N ASP B 1 -0.38 10.12 5.01
CA ASP B 1 -0.98 11.13 4.15
C ASP B 1 -0.53 12.57 4.46
N GLU B 2 -0.45 12.94 5.73
CA GLU B 2 -0.07 14.27 6.21
C GLU B 2 1.30 14.24 6.92
N ASP B 3 1.75 15.40 7.44
CA ASP B 3 2.97 15.56 8.24
C ASP B 3 2.83 14.91 9.64
N VAL B 4 2.88 13.57 9.66
CA VAL B 4 2.92 12.70 10.85
C VAL B 4 3.91 11.55 10.65
N LYS B 5 4.05 10.73 11.71
CA LYS B 5 4.81 9.47 11.73
C LYS B 5 4.39 8.59 10.55
N ASP B 6 5.39 8.02 9.85
CA ASP B 6 5.24 7.05 8.78
C ASP B 6 4.72 5.68 9.32
N ASN B 7 3.55 5.66 9.98
CA ASN B 7 2.90 4.44 10.51
C ASN B 7 2.29 3.57 9.39
N TRP B 8 3.05 3.31 8.33
CA TRP B 8 2.64 2.55 7.17
C TRP B 8 3.84 1.91 6.41
N ASP B 9 4.97 1.58 7.07
CA ASP B 9 6.13 0.91 6.43
C ASP B 9 7.17 0.40 7.43
N ASP B 10 7.10 -0.87 7.85
CA ASP B 10 8.03 -1.41 8.84
C ASP B 10 9.42 -1.59 8.22
N ASP B 11 10.39 -0.86 8.78
CA ASP B 11 11.79 -0.82 8.34
C ASP B 11 12.48 -2.20 8.42
N ASP A 1 8.17 -8.66 -12.51
CA ASP A 1 9.19 -7.92 -11.77
C ASP A 1 9.10 -6.38 -11.81
N SER A 2 7.94 -5.85 -12.19
CA SER A 2 7.64 -4.42 -12.39
C SER A 2 6.42 -3.95 -11.59
N VAL A 3 5.90 -4.78 -10.70
CA VAL A 3 4.67 -4.52 -9.93
C VAL A 3 4.77 -5.01 -8.50
N ILE A 4 3.85 -4.58 -7.63
CA ILE A 4 3.79 -4.98 -6.23
C ILE A 4 2.38 -5.42 -5.84
N VAL A 5 2.29 -6.26 -4.81
CA VAL A 5 1.05 -6.76 -4.23
C VAL A 5 1.17 -6.75 -2.71
N VAL A 6 0.07 -6.45 -2.03
CA VAL A 6 -0.01 -6.44 -0.57
C VAL A 6 -1.14 -7.35 -0.13
N ASP A 7 -0.98 -7.92 1.06
CA ASP A 7 -1.96 -8.80 1.71
C ASP A 7 -2.31 -8.27 3.11
N ASN A 8 -3.30 -8.89 3.76
CA ASN A 8 -3.86 -8.47 5.05
C ASN A 8 -4.33 -7.00 5.08
N VAL A 9 -4.83 -6.45 3.96
CA VAL A 9 -5.31 -5.06 3.86
C VAL A 9 -6.85 -5.00 3.86
N PRO A 10 -7.50 -5.07 5.03
CA PRO A 10 -8.95 -4.94 5.11
C PRO A 10 -9.42 -3.54 4.72
N GLN A 11 -10.59 -3.45 4.08
CA GLN A 11 -11.23 -2.15 3.79
C GLN A 11 -11.63 -1.42 5.08
N VAL A 12 -11.91 -0.12 4.99
CA VAL A 12 -12.19 0.75 6.15
C VAL A 12 -13.41 1.63 5.88
N GLY A 13 -13.96 2.25 6.93
CA GLY A 13 -15.14 3.11 6.81
C GLY A 13 -14.82 4.51 6.24
N PRO A 14 -15.82 5.41 6.26
CA PRO A 14 -15.65 6.78 5.80
C PRO A 14 -14.64 7.57 6.64
N ASP A 15 -14.24 8.75 6.14
CA ASP A 15 -13.26 9.63 6.78
C ASP A 15 -11.85 9.00 6.84
N ARG A 16 -11.64 7.87 6.15
CA ARG A 16 -10.38 7.12 6.13
C ARG A 16 -10.15 6.33 4.82
N LEU A 17 -11.21 5.89 4.14
CA LEU A 17 -11.11 5.18 2.86
C LEU A 17 -10.27 5.89 1.79
N GLU A 18 -10.24 7.24 1.82
CA GLU A 18 -9.44 8.03 0.89
C GLU A 18 -7.94 7.87 1.20
N LYS A 19 -7.61 7.95 2.50
CA LYS A 19 -6.28 7.73 3.05
C LYS A 19 -5.73 6.38 2.63
N LEU A 20 -6.56 5.32 2.58
CA LEU A 20 -6.16 3.97 2.15
C LEU A 20 -5.32 3.98 0.86
N LYS A 21 -5.82 4.60 -0.22
CA LYS A 21 -5.09 4.77 -1.50
C LYS A 21 -4.17 5.99 -1.51
N ASN A 22 -4.48 7.04 -0.74
CA ASN A 22 -3.58 8.19 -0.61
C ASN A 22 -2.24 7.82 0.05
N VAL A 23 -2.25 7.24 1.26
CA VAL A 23 -1.02 6.88 2.00
C VAL A 23 -0.09 6.03 1.15
N ILE A 24 -0.64 5.17 0.28
CA ILE A 24 0.11 4.44 -0.73
C ILE A 24 1.03 5.38 -1.55
N HIS A 25 0.50 6.48 -2.11
CA HIS A 25 1.30 7.46 -2.85
C HIS A 25 2.31 8.21 -1.97
N LYS A 26 2.14 8.21 -0.64
CA LYS A 26 3.08 8.87 0.27
C LYS A 26 4.20 7.92 0.70
N ILE A 27 3.87 6.73 1.20
CA ILE A 27 4.87 5.72 1.57
C ILE A 27 5.76 5.33 0.40
N PHE A 28 5.14 5.16 -0.78
CA PHE A 28 5.86 4.75 -1.95
C PHE A 28 6.51 5.93 -2.70
N SER A 29 6.30 7.19 -2.27
CA SER A 29 6.94 8.37 -2.89
C SER A 29 8.45 8.43 -2.71
N LYS A 30 9.02 7.89 -1.62
CA LYS A 30 10.49 7.91 -1.43
C LYS A 30 11.23 7.06 -2.47
N PHE A 31 10.56 6.08 -3.07
CA PHE A 31 11.16 5.20 -4.07
C PHE A 31 10.96 5.70 -5.51
N GLY A 32 10.05 6.66 -5.73
CA GLY A 32 9.67 7.14 -7.05
C GLY A 32 8.21 7.62 -7.10
N LYS A 33 7.53 7.44 -8.23
CA LYS A 33 6.12 7.80 -8.42
C LYS A 33 5.32 6.64 -8.99
N ILE A 34 4.22 6.26 -8.33
CA ILE A 34 3.31 5.20 -8.79
C ILE A 34 2.51 5.67 -10.01
N THR A 35 2.36 4.78 -10.99
CA THR A 35 1.61 5.03 -12.24
C THR A 35 0.33 4.20 -12.36
N ASN A 36 0.21 3.07 -11.67
CA ASN A 36 -0.94 2.17 -11.76
C ASN A 36 -1.39 1.74 -10.37
N ASP A 37 -2.68 1.78 -10.09
CA ASP A 37 -3.26 1.47 -8.78
C ASP A 37 -4.66 0.84 -8.90
N PHE A 38 -4.85 -0.35 -8.31
CA PHE A 38 -6.09 -1.11 -8.38
C PHE A 38 -6.49 -1.67 -7.02
N TYR A 39 -7.76 -1.45 -6.67
CA TYR A 39 -8.36 -1.81 -5.38
C TYR A 39 -9.57 -2.72 -5.63
N PRO A 40 -9.36 -4.05 -5.75
CA PRO A 40 -10.45 -5.00 -5.97
C PRO A 40 -11.31 -5.14 -4.70
N GLU A 41 -12.46 -5.81 -4.81
CA GLU A 41 -13.35 -6.10 -3.68
C GLU A 41 -14.04 -7.45 -3.83
N GLU A 42 -14.75 -7.89 -2.79
CA GLU A 42 -15.52 -9.14 -2.78
C GLU A 42 -17.01 -8.85 -2.72
N ASP A 43 -17.74 -9.11 -3.81
CA ASP A 43 -19.20 -8.86 -3.91
C ASP A 43 -19.63 -7.41 -3.58
N GLY A 44 -18.72 -6.44 -3.65
CA GLY A 44 -18.97 -5.05 -3.25
C GLY A 44 -18.73 -4.79 -1.74
N LYS A 45 -18.08 -5.72 -1.05
CA LYS A 45 -17.77 -5.70 0.38
C LYS A 45 -16.27 -5.46 0.60
N THR A 46 -15.85 -5.42 1.86
CA THR A 46 -14.48 -5.12 2.29
C THR A 46 -13.44 -6.10 1.72
N LYS A 47 -12.53 -5.60 0.88
CA LYS A 47 -11.36 -6.32 0.35
C LYS A 47 -10.33 -6.73 1.42
N GLY A 48 -9.33 -7.47 0.97
CA GLY A 48 -8.16 -7.90 1.76
C GLY A 48 -6.81 -7.78 1.05
N TYR A 49 -6.78 -7.36 -0.23
CA TYR A 49 -5.59 -7.29 -1.08
C TYR A 49 -5.70 -6.08 -2.02
N ILE A 50 -4.58 -5.54 -2.50
CA ILE A 50 -4.51 -4.49 -3.53
C ILE A 50 -3.41 -4.82 -4.55
N PHE A 51 -3.45 -4.16 -5.72
CA PHE A 51 -2.49 -4.34 -6.80
C PHE A 51 -1.97 -2.99 -7.27
N LEU A 52 -0.65 -2.81 -7.28
CA LEU A 52 0.02 -1.57 -7.70
C LEU A 52 1.10 -1.90 -8.73
N GLU A 53 1.24 -1.08 -9.78
CA GLU A 53 2.28 -1.23 -10.79
C GLU A 53 3.10 0.06 -10.93
N TYR A 54 4.42 -0.09 -10.98
CA TYR A 54 5.35 1.02 -11.19
C TYR A 54 5.74 1.15 -12.66
N ALA A 55 6.28 2.33 -12.99
CA ALA A 55 6.78 2.65 -14.32
C ALA A 55 8.15 2.00 -14.62
N SER A 56 8.74 1.27 -13.67
CA SER A 56 10.05 0.63 -13.80
C SER A 56 10.21 -0.54 -12.82
N PRO A 57 11.01 -1.57 -13.17
CA PRO A 57 11.29 -2.72 -12.31
C PRO A 57 12.01 -2.30 -11.03
N ALA A 58 13.02 -1.43 -11.15
CA ALA A 58 13.82 -0.92 -10.05
C ALA A 58 12.99 -0.21 -8.96
N HIS A 59 11.77 0.25 -9.28
CA HIS A 59 10.85 0.80 -8.27
C HIS A 59 10.09 -0.29 -7.54
N ALA A 60 9.54 -1.27 -8.28
CA ALA A 60 8.78 -2.38 -7.70
C ALA A 60 9.65 -3.30 -6.84
N VAL A 61 10.76 -3.78 -7.41
CA VAL A 61 11.69 -4.69 -6.70
C VAL A 61 12.28 -4.03 -5.45
N ASP A 62 12.42 -2.70 -5.46
CA ASP A 62 12.83 -1.93 -4.30
C ASP A 62 11.70 -1.80 -3.28
N ALA A 63 10.53 -1.28 -3.70
CA ALA A 63 9.38 -1.03 -2.83
C ALA A 63 8.98 -2.27 -2.01
N VAL A 64 8.97 -3.46 -2.64
CA VAL A 64 8.70 -4.74 -1.97
C VAL A 64 9.71 -5.05 -0.87
N LYS A 65 10.97 -4.69 -1.06
CA LYS A 65 12.07 -4.89 -0.10
C LYS A 65 12.24 -3.71 0.88
N ASN A 66 11.37 -2.69 0.82
CA ASN A 66 11.41 -1.52 1.71
C ASN A 66 10.11 -1.28 2.48
N ALA A 67 8.97 -1.76 1.97
CA ALA A 67 7.65 -1.55 2.56
C ALA A 67 7.01 -2.85 3.06
N ASP A 68 7.82 -3.91 3.26
CA ASP A 68 7.41 -5.26 3.68
C ASP A 68 6.75 -5.31 5.08
N GLY A 69 5.50 -4.87 5.16
CA GLY A 69 4.66 -4.95 6.35
C GLY A 69 4.50 -3.61 7.06
N TYR A 70 3.60 -2.79 6.50
CA TYR A 70 3.22 -1.46 6.96
C TYR A 70 2.82 -1.42 8.45
N LYS A 71 3.06 -0.29 9.14
CA LYS A 71 2.90 -0.20 10.60
C LYS A 71 1.53 0.35 11.01
N LEU A 72 0.43 -0.34 10.65
CA LEU A 72 -0.96 0.16 10.79
C LEU A 72 -1.19 0.92 12.10
N ASP A 73 -0.75 0.27 13.19
CA ASP A 73 -0.60 0.79 14.55
C ASP A 73 0.62 0.14 15.21
N LYS A 74 0.57 -1.18 15.44
CA LYS A 74 1.65 -1.93 16.10
C LYS A 74 1.59 -3.43 15.81
N GLN A 75 0.45 -4.06 16.12
CA GLN A 75 0.25 -5.51 16.01
C GLN A 75 -0.18 -5.95 14.59
N HIS A 76 -0.94 -5.10 13.89
CA HIS A 76 -1.46 -5.33 12.54
C HIS A 76 -0.33 -5.15 11.51
N THR A 77 0.08 -6.24 10.87
CA THR A 77 1.19 -6.27 9.91
C THR A 77 0.74 -6.90 8.59
N PHE A 78 1.36 -6.44 7.50
CA PHE A 78 1.02 -6.82 6.12
C PHE A 78 2.17 -7.59 5.49
N ARG A 79 1.98 -8.07 4.25
CA ARG A 79 3.02 -8.82 3.52
C ARG A 79 3.10 -8.32 2.08
N VAL A 80 4.04 -7.40 1.80
CA VAL A 80 4.25 -6.86 0.45
C VAL A 80 5.17 -7.79 -0.32
N ASN A 81 4.70 -8.28 -1.48
CA ASN A 81 5.42 -9.20 -2.35
C ASN A 81 5.18 -8.84 -3.83
N ASP B 1 -2.21 10.68 5.08
CA ASP B 1 -1.25 11.45 4.29
C ASP B 1 0.09 11.60 5.04
N GLU B 2 1.05 12.31 4.43
CA GLU B 2 2.36 12.55 5.00
C GLU B 2 2.36 13.68 6.03
N ASP B 3 1.63 13.46 7.14
CA ASP B 3 1.48 14.44 8.23
C ASP B 3 1.90 13.92 9.61
N VAL B 4 1.67 12.64 9.90
CA VAL B 4 2.05 11.97 11.16
C VAL B 4 3.19 10.97 10.94
N LYS B 5 3.56 10.22 11.98
CA LYS B 5 4.50 9.10 11.86
C LYS B 5 4.06 8.13 10.77
N ASP B 6 5.01 7.32 10.32
CA ASP B 6 4.86 6.41 9.19
C ASP B 6 4.04 5.16 9.55
N ASN B 7 2.79 5.34 9.99
CA ASN B 7 1.82 4.28 10.32
C ASN B 7 1.43 3.38 9.12
N TRP B 8 2.11 3.55 7.98
CA TRP B 8 1.94 2.77 6.79
C TRP B 8 3.29 2.42 6.10
N ASP B 9 4.45 2.52 6.78
CA ASP B 9 5.77 2.25 6.18
C ASP B 9 6.62 1.26 6.99
N ASP B 10 6.98 0.12 6.41
CA ASP B 10 7.82 -0.89 7.08
C ASP B 10 9.10 -0.30 7.71
N ASP B 11 9.42 -0.80 8.91
CA ASP B 11 10.55 -0.37 9.73
C ASP B 11 11.86 -0.96 9.21
N ASP A 1 8.28 -8.57 -12.52
CA ASP A 1 9.32 -7.83 -11.78
C ASP A 1 9.23 -6.29 -11.80
N SER A 2 8.06 -5.76 -12.18
CA SER A 2 7.75 -4.32 -12.32
C SER A 2 6.53 -3.88 -11.48
N VAL A 3 5.98 -4.77 -10.66
CA VAL A 3 4.76 -4.53 -9.89
C VAL A 3 4.86 -5.02 -8.45
N ILE A 4 3.91 -4.59 -7.61
CA ILE A 4 3.83 -4.95 -6.19
C ILE A 4 2.39 -5.35 -5.85
N VAL A 5 2.28 -6.18 -4.81
CA VAL A 5 1.05 -6.66 -4.23
C VAL A 5 1.17 -6.65 -2.72
N VAL A 6 0.05 -6.34 -2.05
CA VAL A 6 -0.06 -6.36 -0.60
C VAL A 6 -1.19 -7.30 -0.19
N ASP A 7 -1.09 -7.81 1.03
CA ASP A 7 -2.07 -8.67 1.66
C ASP A 7 -2.42 -8.16 3.07
N ASN A 8 -3.46 -8.74 3.68
CA ASN A 8 -4.06 -8.34 4.97
C ASN A 8 -4.50 -6.86 5.02
N VAL A 9 -4.98 -6.29 3.90
CA VAL A 9 -5.46 -4.89 3.79
C VAL A 9 -6.99 -4.80 3.81
N PRO A 10 -7.63 -4.85 5.00
CA PRO A 10 -9.07 -4.66 5.11
C PRO A 10 -9.46 -3.22 4.74
N GLN A 11 -10.68 -3.06 4.20
CA GLN A 11 -11.29 -1.76 4.01
C GLN A 11 -11.64 -1.12 5.36
N VAL A 12 -11.90 0.19 5.33
CA VAL A 12 -12.19 1.05 6.48
C VAL A 12 -13.36 1.98 6.14
N GLY A 13 -13.94 2.60 7.15
CA GLY A 13 -15.09 3.51 7.01
C GLY A 13 -14.75 4.88 6.38
N PRO A 14 -15.73 5.80 6.37
CA PRO A 14 -15.56 7.14 5.84
C PRO A 14 -14.50 7.92 6.64
N ASP A 15 -14.10 9.09 6.11
CA ASP A 15 -13.06 9.97 6.69
C ASP A 15 -11.66 9.32 6.81
N ARG A 16 -11.49 8.12 6.24
CA ARG A 16 -10.25 7.33 6.25
C ARG A 16 -10.07 6.47 4.99
N LEU A 17 -11.15 6.01 4.33
CA LEU A 17 -11.06 5.22 3.09
C LEU A 17 -10.20 5.83 1.98
N GLU A 18 -10.16 7.17 1.89
CA GLU A 18 -9.37 7.91 0.89
C GLU A 18 -7.88 7.74 1.20
N LYS A 19 -7.52 7.93 2.49
CA LYS A 19 -6.20 7.70 3.07
C LYS A 19 -5.66 6.30 2.72
N LEU A 20 -6.51 5.27 2.62
CA LEU A 20 -6.11 3.91 2.24
C LEU A 20 -5.32 3.86 0.92
N LYS A 21 -5.82 4.49 -0.17
CA LYS A 21 -5.08 4.65 -1.43
C LYS A 21 -4.13 5.85 -1.42
N ASN A 22 -4.46 6.93 -0.70
CA ASN A 22 -3.59 8.11 -0.59
C ASN A 22 -2.25 7.76 0.06
N VAL A 23 -2.23 7.20 1.29
CA VAL A 23 -0.99 6.83 1.99
C VAL A 23 -0.10 5.94 1.13
N ILE A 24 -0.70 5.02 0.36
CA ILE A 24 0.00 4.23 -0.66
C ILE A 24 0.76 5.11 -1.65
N HIS A 25 0.18 6.20 -2.17
CA HIS A 25 0.88 7.12 -3.07
C HIS A 25 2.04 7.85 -2.39
N LYS A 26 1.87 8.28 -1.13
CA LYS A 26 2.92 9.01 -0.39
C LYS A 26 4.05 8.08 0.08
N ILE A 27 3.73 6.96 0.73
CA ILE A 27 4.73 5.99 1.22
C ILE A 27 5.65 5.52 0.12
N PHE A 28 5.08 5.22 -1.04
CA PHE A 28 5.84 4.73 -2.18
C PHE A 28 6.53 5.83 -3.00
N SER A 29 6.32 7.11 -2.61
CA SER A 29 6.92 8.26 -3.29
C SER A 29 8.41 8.44 -2.99
N LYS A 30 8.93 7.94 -1.85
CA LYS A 30 10.39 7.96 -1.56
C LYS A 30 11.20 7.06 -2.50
N PHE A 31 10.56 6.10 -3.18
CA PHE A 31 11.20 5.18 -4.11
C PHE A 31 11.01 5.56 -5.59
N GLY A 32 10.09 6.50 -5.88
CA GLY A 32 9.76 6.90 -7.25
C GLY A 32 8.36 7.51 -7.36
N LYS A 33 7.68 7.23 -8.48
CA LYS A 33 6.29 7.64 -8.73
C LYS A 33 5.51 6.43 -9.25
N ILE A 34 4.37 6.15 -8.62
CA ILE A 34 3.48 5.06 -9.03
C ILE A 34 2.57 5.56 -10.15
N THR A 35 2.46 4.79 -11.24
CA THR A 35 1.60 5.12 -12.38
C THR A 35 0.26 4.34 -12.39
N ASN A 36 0.23 3.10 -11.87
CA ASN A 36 -0.99 2.30 -11.78
C ASN A 36 -1.51 2.16 -10.34
N ASP A 37 -2.75 1.74 -10.15
CA ASP A 37 -3.38 1.55 -8.84
C ASP A 37 -4.74 0.83 -8.93
N PHE A 38 -4.85 -0.37 -8.35
CA PHE A 38 -6.08 -1.16 -8.38
C PHE A 38 -6.45 -1.70 -6.99
N TYR A 39 -7.70 -1.40 -6.60
CA TYR A 39 -8.31 -1.75 -5.31
C TYR A 39 -9.53 -2.64 -5.59
N PRO A 40 -9.36 -3.98 -5.71
CA PRO A 40 -10.47 -4.91 -5.92
C PRO A 40 -11.34 -5.03 -4.66
N GLU A 41 -12.46 -5.76 -4.73
CA GLU A 41 -13.36 -6.05 -3.60
C GLU A 41 -13.97 -7.46 -3.72
N GLU A 42 -14.67 -7.89 -2.67
CA GLU A 42 -15.40 -9.16 -2.62
C GLU A 42 -16.92 -8.89 -2.54
N ASP A 43 -17.67 -9.20 -3.60
CA ASP A 43 -19.13 -9.01 -3.69
C ASP A 43 -19.61 -7.57 -3.38
N GLY A 44 -18.75 -6.56 -3.50
CA GLY A 44 -19.07 -5.17 -3.12
C GLY A 44 -18.81 -4.88 -1.63
N LYS A 45 -18.03 -5.72 -0.94
CA LYS A 45 -17.69 -5.67 0.49
C LYS A 45 -16.19 -5.47 0.66
N THR A 46 -15.76 -5.33 1.93
CA THR A 46 -14.40 -5.06 2.37
C THR A 46 -13.36 -6.01 1.74
N LYS A 47 -12.43 -5.45 0.97
CA LYS A 47 -11.31 -6.18 0.37
C LYS A 47 -10.27 -6.64 1.40
N GLY A 48 -9.25 -7.36 0.94
CA GLY A 48 -8.08 -7.79 1.70
C GLY A 48 -6.74 -7.68 0.96
N TYR A 49 -6.72 -7.27 -0.32
CA TYR A 49 -5.54 -7.22 -1.20
C TYR A 49 -5.66 -6.02 -2.15
N ILE A 50 -4.53 -5.51 -2.66
CA ILE A 50 -4.45 -4.46 -3.70
C ILE A 50 -3.33 -4.78 -4.70
N PHE A 51 -3.32 -4.09 -5.84
CA PHE A 51 -2.34 -4.27 -6.91
C PHE A 51 -1.85 -2.90 -7.41
N LEU A 52 -0.53 -2.70 -7.43
CA LEU A 52 0.14 -1.48 -7.88
C LEU A 52 1.27 -1.83 -8.88
N GLU A 53 1.42 -1.04 -9.95
CA GLU A 53 2.47 -1.19 -10.97
C GLU A 53 3.24 0.12 -11.17
N TYR A 54 4.57 0.04 -11.05
CA TYR A 54 5.47 1.16 -11.28
C TYR A 54 5.86 1.29 -12.75
N ALA A 55 6.49 2.42 -13.08
CA ALA A 55 7.02 2.69 -14.40
C ALA A 55 8.35 1.96 -14.71
N SER A 56 8.95 1.26 -13.73
CA SER A 56 10.26 0.59 -13.84
C SER A 56 10.43 -0.59 -12.87
N PRO A 57 11.30 -1.57 -13.17
CA PRO A 57 11.55 -2.73 -12.30
C PRO A 57 12.18 -2.31 -10.97
N ALA A 58 13.23 -1.49 -11.04
CA ALA A 58 13.97 -0.92 -9.91
C ALA A 58 13.09 -0.19 -8.88
N HIS A 59 11.86 0.20 -9.24
CA HIS A 59 10.91 0.82 -8.31
C HIS A 59 10.12 -0.25 -7.55
N ALA A 60 9.58 -1.25 -8.26
CA ALA A 60 8.85 -2.37 -7.69
C ALA A 60 9.73 -3.26 -6.80
N VAL A 61 10.86 -3.74 -7.34
CA VAL A 61 11.78 -4.65 -6.63
C VAL A 61 12.32 -3.99 -5.34
N ASP A 62 12.47 -2.66 -5.37
CA ASP A 62 12.82 -1.85 -4.21
C ASP A 62 11.63 -1.71 -3.25
N ALA A 63 10.49 -1.19 -3.71
CA ALA A 63 9.29 -0.98 -2.89
C ALA A 63 8.87 -2.21 -2.07
N VAL A 64 8.88 -3.40 -2.68
CA VAL A 64 8.63 -4.68 -2.00
C VAL A 64 9.60 -4.95 -0.85
N LYS A 65 10.90 -4.68 -1.07
CA LYS A 65 11.98 -4.88 -0.09
C LYS A 65 12.13 -3.70 0.89
N ASN A 66 11.31 -2.65 0.76
CA ASN A 66 11.32 -1.49 1.64
C ASN A 66 10.04 -1.36 2.48
N ALA A 67 8.86 -1.56 1.88
CA ALA A 67 7.57 -1.44 2.57
C ALA A 67 7.01 -2.78 3.10
N ASP A 68 7.86 -3.80 3.23
CA ASP A 68 7.55 -5.12 3.75
C ASP A 68 6.94 -5.10 5.17
N GLY A 69 5.62 -4.87 5.27
CA GLY A 69 4.85 -4.96 6.50
C GLY A 69 4.51 -3.61 7.12
N TYR A 70 3.40 -3.01 6.68
CA TYR A 70 2.97 -1.68 7.11
C TYR A 70 2.59 -1.61 8.61
N LYS A 71 2.90 -0.52 9.30
CA LYS A 71 2.65 -0.36 10.76
C LYS A 71 1.32 0.31 11.12
N LEU A 72 0.23 -0.18 10.52
CA LEU A 72 -1.15 0.32 10.73
C LEU A 72 -1.62 0.27 12.20
N ASP A 73 -1.11 -0.72 12.96
CA ASP A 73 -1.39 -1.01 14.37
C ASP A 73 -2.84 -1.50 14.63
N LYS A 74 -3.04 -2.83 14.60
CA LYS A 74 -4.33 -3.48 14.84
C LYS A 74 -4.18 -4.88 15.48
N GLN A 75 -3.83 -5.90 14.69
CA GLN A 75 -3.77 -7.32 15.08
C GLN A 75 -2.56 -8.02 14.43
N HIS A 76 -2.61 -8.20 13.10
CA HIS A 76 -1.55 -8.79 12.28
C HIS A 76 -1.04 -7.79 11.25
N THR A 77 0.26 -7.86 10.97
CA THR A 77 0.94 -7.06 9.97
C THR A 77 0.61 -7.52 8.54
N PHE A 78 0.97 -6.69 7.58
CA PHE A 78 0.76 -6.91 6.14
C PHE A 78 1.98 -7.60 5.54
N ARG A 79 1.86 -8.01 4.27
CA ARG A 79 2.89 -8.76 3.54
C ARG A 79 3.01 -8.21 2.11
N VAL A 80 3.99 -7.34 1.85
CA VAL A 80 4.22 -6.76 0.53
C VAL A 80 5.15 -7.69 -0.25
N ASN A 81 4.69 -8.21 -1.39
CA ASN A 81 5.43 -9.11 -2.28
C ASN A 81 5.18 -8.75 -3.77
N ASP B 1 0.24 9.67 4.51
CA ASP B 1 -0.58 10.83 4.16
C ASP B 1 0.20 12.13 3.96
N GLU B 2 1.54 12.10 4.09
CA GLU B 2 2.44 13.27 4.06
C GLU B 2 2.22 14.29 5.19
N ASP B 3 1.35 14.01 6.16
CA ASP B 3 0.97 14.93 7.24
C ASP B 3 1.64 14.56 8.58
N VAL B 4 1.34 13.37 9.12
CA VAL B 4 1.88 12.93 10.42
C VAL B 4 3.10 12.00 10.23
N LYS B 5 3.58 11.40 11.33
CA LYS B 5 4.56 10.31 11.31
C LYS B 5 4.15 9.20 10.34
N ASP B 6 5.12 8.38 9.92
CA ASP B 6 4.86 7.34 8.93
C ASP B 6 4.15 6.11 9.55
N ASN B 7 2.90 6.30 10.00
CA ASN B 7 2.02 5.27 10.57
C ASN B 7 1.61 4.15 9.57
N TRP B 8 2.27 4.12 8.41
CA TRP B 8 2.12 3.15 7.36
C TRP B 8 3.48 2.47 7.04
N ASP B 9 4.59 3.18 6.80
CA ASP B 9 5.91 2.52 6.69
C ASP B 9 7.07 3.37 7.19
N ASP B 10 7.88 2.82 8.09
CA ASP B 10 9.02 3.46 8.74
C ASP B 10 10.07 2.39 9.08
N ASP B 11 11.26 2.81 9.53
CA ASP B 11 12.42 1.94 9.82
C ASP B 11 12.89 1.18 8.57
N ASP A 1 8.24 -8.66 -12.62
CA ASP A 1 9.22 -7.93 -11.78
C ASP A 1 9.10 -6.39 -11.68
N SER A 2 8.02 -5.80 -12.17
CA SER A 2 7.70 -4.37 -12.31
C SER A 2 6.51 -3.90 -11.46
N VAL A 3 5.93 -4.80 -10.65
CA VAL A 3 4.69 -4.57 -9.89
C VAL A 3 4.78 -5.12 -8.46
N ILE A 4 3.88 -4.64 -7.60
CA ILE A 4 3.80 -5.04 -6.20
C ILE A 4 2.37 -5.42 -5.83
N VAL A 5 2.27 -6.29 -4.83
CA VAL A 5 1.03 -6.76 -4.24
C VAL A 5 1.19 -6.80 -2.73
N VAL A 6 0.11 -6.44 -2.04
CA VAL A 6 0.01 -6.43 -0.58
C VAL A 6 -1.15 -7.33 -0.17
N ASP A 7 -1.02 -7.90 1.03
CA ASP A 7 -2.02 -8.77 1.65
C ASP A 7 -2.37 -8.28 3.07
N ASN A 8 -3.43 -8.82 3.66
CA ASN A 8 -4.03 -8.40 4.94
C ASN A 8 -4.48 -6.93 4.98
N VAL A 9 -4.92 -6.34 3.86
CA VAL A 9 -5.39 -4.95 3.73
C VAL A 9 -6.93 -4.84 3.70
N PRO A 10 -7.60 -4.87 4.86
CA PRO A 10 -9.05 -4.69 4.93
C PRO A 10 -9.42 -3.25 4.55
N GLN A 11 -10.69 -3.08 4.17
CA GLN A 11 -11.27 -1.77 3.97
C GLN A 11 -11.59 -1.10 5.32
N VAL A 12 -11.90 0.20 5.27
CA VAL A 12 -12.19 1.06 6.42
C VAL A 12 -13.40 1.95 6.09
N GLY A 13 -13.96 2.60 7.11
CA GLY A 13 -15.11 3.49 6.98
C GLY A 13 -14.78 4.88 6.39
N PRO A 14 -15.78 5.79 6.38
CA PRO A 14 -15.61 7.16 5.90
C PRO A 14 -14.56 7.91 6.72
N ASP A 15 -14.15 9.09 6.23
CA ASP A 15 -13.13 9.97 6.83
C ASP A 15 -11.73 9.34 6.93
N ARG A 16 -11.53 8.17 6.29
CA ARG A 16 -10.29 7.38 6.28
C ARG A 16 -10.09 6.54 5.01
N LEU A 17 -11.15 6.09 4.32
CA LEU A 17 -11.07 5.34 3.06
C LEU A 17 -10.20 5.99 1.97
N GLU A 18 -10.18 7.32 1.90
CA GLU A 18 -9.40 8.12 0.95
C GLU A 18 -7.92 7.93 1.24
N LYS A 19 -7.55 8.12 2.53
CA LYS A 19 -6.23 7.91 3.12
C LYS A 19 -5.67 6.55 2.74
N LEU A 20 -6.51 5.50 2.66
CA LEU A 20 -6.12 4.14 2.24
C LEU A 20 -5.28 4.18 0.95
N LYS A 21 -5.85 4.62 -0.18
CA LYS A 21 -5.13 4.77 -1.46
C LYS A 21 -4.22 6.00 -1.48
N ASN A 22 -4.54 7.07 -0.74
CA ASN A 22 -3.68 8.25 -0.64
C ASN A 22 -2.31 7.90 -0.08
N VAL A 23 -2.22 7.37 1.14
CA VAL A 23 -0.96 7.02 1.84
C VAL A 23 -0.08 6.11 0.98
N ILE A 24 -0.68 5.22 0.18
CA ILE A 24 0.02 4.45 -0.86
C ILE A 24 0.87 5.36 -1.76
N HIS A 25 0.33 6.48 -2.26
CA HIS A 25 1.06 7.42 -3.12
C HIS A 25 2.18 8.17 -2.39
N LYS A 26 2.14 8.25 -1.05
CA LYS A 26 3.12 8.97 -0.22
C LYS A 26 4.20 8.04 0.33
N ILE A 27 3.82 6.90 0.92
CA ILE A 27 4.75 5.86 1.39
C ILE A 27 5.67 5.39 0.27
N PHE A 28 5.11 5.17 -0.93
CA PHE A 28 5.86 4.68 -2.05
C PHE A 28 6.51 5.81 -2.87
N SER A 29 6.34 7.08 -2.47
CA SER A 29 6.92 8.25 -3.11
C SER A 29 8.44 8.33 -2.90
N LYS A 30 8.95 7.90 -1.73
CA LYS A 30 10.40 7.89 -1.44
C LYS A 30 11.20 6.98 -2.38
N PHE A 31 10.54 6.05 -3.09
CA PHE A 31 11.15 5.13 -4.05
C PHE A 31 10.95 5.55 -5.52
N GLY A 32 10.08 6.52 -5.80
CA GLY A 32 9.71 6.93 -7.16
C GLY A 32 8.28 7.47 -7.24
N LYS A 33 7.63 7.28 -8.40
CA LYS A 33 6.25 7.68 -8.64
C LYS A 33 5.47 6.48 -9.17
N ILE A 34 4.36 6.15 -8.49
CA ILE A 34 3.45 5.09 -8.91
C ILE A 34 2.54 5.62 -10.02
N THR A 35 2.42 4.86 -11.12
CA THR A 35 1.57 5.18 -12.28
C THR A 35 0.24 4.38 -12.29
N ASN A 36 0.20 3.15 -11.75
CA ASN A 36 -1.01 2.32 -11.70
C ASN A 36 -1.49 2.12 -10.27
N ASP A 37 -2.78 1.86 -10.08
CA ASP A 37 -3.36 1.58 -8.77
C ASP A 37 -4.71 0.84 -8.92
N PHE A 38 -4.85 -0.34 -8.30
CA PHE A 38 -6.09 -1.13 -8.35
C PHE A 38 -6.47 -1.67 -6.96
N TYR A 39 -7.74 -1.43 -6.62
CA TYR A 39 -8.40 -1.76 -5.36
C TYR A 39 -9.60 -2.68 -5.66
N PRO A 40 -9.39 -4.01 -5.75
CA PRO A 40 -10.49 -4.97 -5.92
C PRO A 40 -11.36 -5.04 -4.66
N GLU A 41 -12.47 -5.79 -4.71
CA GLU A 41 -13.38 -6.08 -3.58
C GLU A 41 -13.95 -7.50 -3.72
N GLU A 42 -14.68 -7.94 -2.68
CA GLU A 42 -15.40 -9.22 -2.64
C GLU A 42 -16.90 -8.96 -2.59
N ASP A 43 -17.64 -9.26 -3.65
CA ASP A 43 -19.11 -9.11 -3.73
C ASP A 43 -19.60 -7.67 -3.46
N GLY A 44 -18.74 -6.64 -3.60
CA GLY A 44 -19.04 -5.26 -3.21
C GLY A 44 -18.79 -4.95 -1.72
N LYS A 45 -18.06 -5.82 -0.99
CA LYS A 45 -17.72 -5.74 0.44
C LYS A 45 -16.19 -5.57 0.60
N THR A 46 -15.76 -5.31 1.82
CA THR A 46 -14.37 -5.11 2.26
C THR A 46 -13.40 -6.09 1.58
N LYS A 47 -12.49 -5.56 0.77
CA LYS A 47 -11.35 -6.29 0.24
C LYS A 47 -10.38 -6.76 1.35
N GLY A 48 -9.30 -7.41 0.91
CA GLY A 48 -8.13 -7.79 1.71
C GLY A 48 -6.79 -7.69 0.99
N TYR A 49 -6.74 -7.27 -0.28
CA TYR A 49 -5.55 -7.22 -1.13
C TYR A 49 -5.67 -6.03 -2.09
N ILE A 50 -4.54 -5.49 -2.56
CA ILE A 50 -4.45 -4.44 -3.59
C ILE A 50 -3.34 -4.76 -4.60
N PHE A 51 -3.31 -4.08 -5.74
CA PHE A 51 -2.37 -4.27 -6.83
C PHE A 51 -1.87 -2.91 -7.33
N LEU A 52 -0.55 -2.73 -7.36
CA LEU A 52 0.14 -1.50 -7.77
C LEU A 52 1.25 -1.82 -8.78
N GLU A 53 1.42 -0.97 -9.81
CA GLU A 53 2.45 -1.15 -10.85
C GLU A 53 3.26 0.14 -11.02
N TYR A 54 4.58 0.03 -10.95
CA TYR A 54 5.49 1.15 -11.15
C TYR A 54 5.86 1.32 -12.61
N ALA A 55 6.47 2.48 -12.92
CA ALA A 55 7.01 2.79 -14.23
C ALA A 55 8.35 2.07 -14.53
N SER A 56 8.92 1.30 -13.58
CA SER A 56 10.22 0.62 -13.71
C SER A 56 10.36 -0.58 -12.74
N PRO A 57 11.18 -1.59 -13.08
CA PRO A 57 11.44 -2.76 -12.22
C PRO A 57 12.10 -2.33 -10.90
N ALA A 58 13.15 -1.49 -10.99
CA ALA A 58 13.92 -0.94 -9.87
C ALA A 58 13.08 -0.17 -8.84
N HIS A 59 11.83 0.19 -9.14
CA HIS A 59 10.88 0.76 -8.17
C HIS A 59 10.11 -0.35 -7.45
N ALA A 60 9.58 -1.33 -8.19
CA ALA A 60 8.81 -2.44 -7.66
C ALA A 60 9.66 -3.36 -6.77
N VAL A 61 10.79 -3.85 -7.32
CA VAL A 61 11.73 -4.73 -6.61
C VAL A 61 12.34 -4.06 -5.37
N ASP A 62 12.41 -2.72 -5.37
CA ASP A 62 12.82 -1.92 -4.23
C ASP A 62 11.67 -1.79 -3.23
N ALA A 63 10.49 -1.29 -3.63
CA ALA A 63 9.32 -1.10 -2.77
C ALA A 63 8.96 -2.37 -1.96
N VAL A 64 8.97 -3.55 -2.59
CA VAL A 64 8.74 -4.84 -1.93
C VAL A 64 9.73 -5.11 -0.79
N LYS A 65 11.00 -4.76 -0.99
CA LYS A 65 12.10 -4.92 -0.03
C LYS A 65 12.29 -3.70 0.89
N ASN A 66 11.41 -2.69 0.80
CA ASN A 66 11.45 -1.47 1.63
C ASN A 66 10.16 -1.18 2.41
N ALA A 67 9.01 -1.72 2.01
CA ALA A 67 7.70 -1.52 2.65
C ALA A 67 7.07 -2.85 3.12
N ASP A 68 7.90 -3.89 3.32
CA ASP A 68 7.55 -5.23 3.79
C ASP A 68 6.82 -5.25 5.16
N GLY A 69 5.51 -4.96 5.17
CA GLY A 69 4.65 -5.05 6.35
C GLY A 69 4.45 -3.69 7.02
N TYR A 70 3.40 -2.99 6.61
CA TYR A 70 3.07 -1.65 7.10
C TYR A 70 2.66 -1.60 8.59
N LYS A 71 2.92 -0.50 9.29
CA LYS A 71 2.60 -0.33 10.73
C LYS A 71 1.24 0.33 11.03
N LEU A 72 0.16 -0.18 10.42
CA LEU A 72 -1.24 0.26 10.63
C LEU A 72 -1.84 -0.15 12.00
N ASP A 73 -1.02 -0.43 13.02
CA ASP A 73 -1.42 -1.06 14.30
C ASP A 73 -2.11 -2.42 14.06
N LYS A 74 -3.44 -2.43 13.89
CA LYS A 74 -4.32 -3.59 13.72
C LYS A 74 -4.03 -4.74 14.70
N GLN A 75 -4.14 -6.00 14.28
CA GLN A 75 -3.76 -7.23 15.02
C GLN A 75 -2.60 -7.98 14.36
N HIS A 76 -2.61 -8.10 13.02
CA HIS A 76 -1.60 -8.79 12.22
C HIS A 76 -1.10 -7.83 11.14
N THR A 77 0.22 -7.86 10.91
CA THR A 77 0.93 -7.07 9.89
C THR A 77 0.57 -7.53 8.48
N PHE A 78 0.94 -6.71 7.50
CA PHE A 78 0.79 -6.94 6.07
C PHE A 78 2.01 -7.67 5.49
N ARG A 79 1.90 -8.10 4.23
CA ARG A 79 2.92 -8.87 3.50
C ARG A 79 3.06 -8.35 2.06
N VAL A 80 3.95 -7.37 1.85
CA VAL A 80 4.25 -6.82 0.52
C VAL A 80 5.16 -7.77 -0.24
N ASN A 81 4.70 -8.30 -1.37
CA ASN A 81 5.43 -9.21 -2.25
C ASN A 81 5.22 -8.84 -3.74
N ASP B 1 -2.84 11.16 3.08
CA ASP B 1 -1.40 11.39 3.18
C ASP B 1 -0.81 11.09 4.57
N GLU B 2 -1.66 11.07 5.61
CA GLU B 2 -1.29 10.99 7.04
C GLU B 2 -0.19 12.00 7.43
N ASP B 3 -0.46 13.29 7.24
CA ASP B 3 0.42 14.40 7.66
C ASP B 3 0.56 14.49 9.19
N VAL B 4 1.34 13.56 9.76
CA VAL B 4 1.63 13.37 11.19
C VAL B 4 2.83 12.44 11.39
N LYS B 5 2.82 11.27 10.74
CA LYS B 5 3.78 10.16 10.93
C LYS B 5 3.56 9.05 9.90
N ASP B 6 4.34 7.98 10.06
CA ASP B 6 4.51 6.87 9.13
C ASP B 6 3.64 5.65 9.51
N ASN B 7 2.38 5.87 9.92
CA ASN B 7 1.37 4.85 10.26
C ASN B 7 1.09 3.80 9.14
N TRP B 8 1.69 3.99 7.96
CA TRP B 8 1.66 3.04 6.85
C TRP B 8 3.05 2.77 6.26
N ASP B 9 4.14 3.30 6.80
CA ASP B 9 5.49 3.01 6.29
C ASP B 9 6.00 1.66 6.81
N ASP B 10 7.30 1.39 6.68
CA ASP B 10 8.05 0.26 7.23
C ASP B 10 9.45 0.68 7.74
N ASP B 11 9.58 1.90 8.28
CA ASP B 11 10.80 2.44 8.89
C ASP B 11 10.52 2.79 10.35
N ASP A 1 8.23 -9.01 -12.60
CA ASP A 1 9.18 -8.23 -11.79
C ASP A 1 9.11 -6.69 -11.96
N SER A 2 7.93 -6.19 -12.34
CA SER A 2 7.65 -4.78 -12.67
C SER A 2 6.55 -4.16 -11.80
N VAL A 3 5.99 -4.93 -10.84
CA VAL A 3 4.79 -4.56 -10.09
C VAL A 3 4.85 -5.05 -8.64
N ILE A 4 3.94 -4.56 -7.78
CA ILE A 4 3.88 -4.99 -6.37
C ILE A 4 2.46 -5.38 -5.96
N VAL A 5 2.37 -6.21 -4.93
CA VAL A 5 1.13 -6.65 -4.29
C VAL A 5 1.27 -6.61 -2.78
N VAL A 6 0.14 -6.42 -2.09
CA VAL A 6 0.05 -6.41 -0.63
C VAL A 6 -1.07 -7.35 -0.20
N ASP A 7 -0.91 -7.94 0.97
CA ASP A 7 -1.89 -8.82 1.59
C ASP A 7 -2.24 -8.31 3.00
N ASN A 8 -3.37 -8.79 3.53
CA ASN A 8 -3.93 -8.43 4.83
C ASN A 8 -4.39 -6.96 4.90
N VAL A 9 -4.90 -6.41 3.79
CA VAL A 9 -5.37 -5.02 3.66
C VAL A 9 -6.91 -4.93 3.64
N PRO A 10 -7.57 -4.95 4.81
CA PRO A 10 -9.01 -4.81 4.89
C PRO A 10 -9.47 -3.39 4.50
N GLN A 11 -10.63 -3.29 3.85
CA GLN A 11 -11.28 -2.00 3.61
C GLN A 11 -11.72 -1.35 4.94
N VAL A 12 -12.02 -0.05 4.90
CA VAL A 12 -12.35 0.79 6.07
C VAL A 12 -13.51 1.72 5.73
N GLY A 13 -14.18 2.26 6.74
CA GLY A 13 -15.31 3.17 6.57
C GLY A 13 -14.96 4.57 6.01
N PRO A 14 -15.95 5.48 5.97
CA PRO A 14 -15.77 6.85 5.49
C PRO A 14 -14.78 7.62 6.36
N ASP A 15 -14.34 8.79 5.87
CA ASP A 15 -13.37 9.67 6.53
C ASP A 15 -11.97 9.05 6.67
N ARG A 16 -11.74 7.87 6.05
CA ARG A 16 -10.46 7.12 6.09
C ARG A 16 -10.20 6.27 4.83
N LEU A 17 -11.23 5.83 4.11
CA LEU A 17 -11.09 5.07 2.85
C LEU A 17 -10.19 5.75 1.79
N GLU A 18 -10.19 7.08 1.76
CA GLU A 18 -9.37 7.91 0.88
C GLU A 18 -7.90 7.72 1.24
N LYS A 19 -7.60 7.92 2.53
CA LYS A 19 -6.28 7.72 3.16
C LYS A 19 -5.71 6.35 2.83
N LEU A 20 -6.52 5.30 2.78
CA LEU A 20 -6.10 3.96 2.37
C LEU A 20 -5.25 3.99 1.08
N LYS A 21 -5.79 4.50 -0.03
CA LYS A 21 -5.07 4.69 -1.30
C LYS A 21 -4.11 5.88 -1.27
N ASN A 22 -4.44 6.95 -0.54
CA ASN A 22 -3.59 8.14 -0.42
C ASN A 22 -2.24 7.82 0.23
N VAL A 23 -2.22 7.24 1.44
CA VAL A 23 -0.99 6.87 2.16
C VAL A 23 -0.11 5.98 1.31
N ILE A 24 -0.70 5.06 0.53
CA ILE A 24 -0.03 4.26 -0.49
C ILE A 24 0.76 5.14 -1.47
N HIS A 25 0.17 6.22 -2.00
CA HIS A 25 0.89 7.12 -2.92
C HIS A 25 2.05 7.85 -2.24
N LYS A 26 1.89 8.31 -0.99
CA LYS A 26 2.97 8.98 -0.27
C LYS A 26 4.07 8.02 0.19
N ILE A 27 3.74 6.88 0.83
CA ILE A 27 4.72 5.92 1.34
C ILE A 27 5.65 5.42 0.24
N PHE A 28 5.07 5.17 -0.94
CA PHE A 28 5.80 4.66 -2.07
C PHE A 28 6.46 5.78 -2.91
N SER A 29 6.26 7.05 -2.53
CA SER A 29 6.82 8.20 -3.25
C SER A 29 8.32 8.41 -3.01
N LYS A 30 8.89 7.92 -1.90
CA LYS A 30 10.35 7.99 -1.66
C LYS A 30 11.14 7.09 -2.62
N PHE A 31 10.52 6.04 -3.16
CA PHE A 31 11.16 5.09 -4.09
C PHE A 31 10.95 5.49 -5.57
N GLY A 32 10.03 6.42 -5.85
CA GLY A 32 9.69 6.83 -7.21
C GLY A 32 8.28 7.43 -7.31
N LYS A 33 7.61 7.24 -8.45
CA LYS A 33 6.23 7.68 -8.68
C LYS A 33 5.40 6.50 -9.20
N ILE A 34 4.31 6.17 -8.51
CA ILE A 34 3.40 5.11 -8.91
C ILE A 34 2.46 5.65 -10.01
N THR A 35 2.43 4.99 -11.17
CA THR A 35 1.61 5.41 -12.31
C THR A 35 0.32 4.60 -12.49
N ASN A 36 0.16 3.46 -11.79
CA ASN A 36 -1.05 2.64 -11.79
C ASN A 36 -1.61 2.50 -10.36
N ASP A 37 -2.85 2.01 -10.22
CA ASP A 37 -3.46 1.70 -8.92
C ASP A 37 -4.76 0.89 -9.09
N PHE A 38 -4.85 -0.27 -8.41
CA PHE A 38 -6.02 -1.15 -8.48
C PHE A 38 -6.41 -1.68 -7.10
N TYR A 39 -7.66 -1.39 -6.72
CA TYR A 39 -8.28 -1.74 -5.44
C TYR A 39 -9.50 -2.62 -5.71
N PRO A 40 -9.33 -3.96 -5.83
CA PRO A 40 -10.44 -4.89 -6.05
C PRO A 40 -11.30 -5.01 -4.78
N GLU A 41 -12.42 -5.75 -4.87
CA GLU A 41 -13.29 -6.06 -3.71
C GLU A 41 -13.90 -7.46 -3.84
N GLU A 42 -14.57 -7.91 -2.77
CA GLU A 42 -15.29 -9.18 -2.71
C GLU A 42 -16.80 -8.92 -2.63
N ASP A 43 -17.54 -9.23 -3.70
CA ASP A 43 -19.01 -9.05 -3.79
C ASP A 43 -19.50 -7.62 -3.47
N GLY A 44 -18.65 -6.60 -3.65
CA GLY A 44 -18.96 -5.22 -3.26
C GLY A 44 -18.69 -4.91 -1.79
N LYS A 45 -17.98 -5.79 -1.07
CA LYS A 45 -17.66 -5.71 0.36
C LYS A 45 -16.16 -5.54 0.57
N THR A 46 -15.73 -5.45 1.84
CA THR A 46 -14.37 -5.15 2.27
C THR A 46 -13.32 -6.12 1.68
N LYS A 47 -12.46 -5.61 0.78
CA LYS A 47 -11.31 -6.31 0.20
C LYS A 47 -10.29 -6.76 1.24
N GLY A 48 -9.28 -7.51 0.79
CA GLY A 48 -8.11 -7.94 1.57
C GLY A 48 -6.76 -7.81 0.86
N TYR A 49 -6.71 -7.40 -0.41
CA TYR A 49 -5.50 -7.32 -1.26
C TYR A 49 -5.63 -6.10 -2.19
N ILE A 50 -4.51 -5.53 -2.66
CA ILE A 50 -4.43 -4.46 -3.68
C ILE A 50 -3.29 -4.74 -4.68
N PHE A 51 -3.25 -4.00 -5.78
CA PHE A 51 -2.27 -4.15 -6.85
C PHE A 51 -1.81 -2.77 -7.34
N LEU A 52 -0.48 -2.59 -7.48
CA LEU A 52 0.15 -1.35 -7.94
C LEU A 52 1.27 -1.67 -8.94
N GLU A 53 1.47 -0.77 -9.91
CA GLU A 53 2.49 -0.89 -10.95
C GLU A 53 3.27 0.43 -11.09
N TYR A 54 4.58 0.35 -10.91
CA TYR A 54 5.48 1.49 -11.11
C TYR A 54 5.84 1.66 -12.58
N ALA A 55 6.50 2.77 -12.89
CA ALA A 55 7.06 3.05 -14.21
C ALA A 55 8.33 2.25 -14.54
N SER A 56 8.87 1.44 -13.61
CA SER A 56 10.12 0.70 -13.79
C SER A 56 10.27 -0.48 -12.80
N PRO A 57 11.08 -1.51 -13.14
CA PRO A 57 11.28 -2.69 -12.30
C PRO A 57 11.98 -2.34 -10.99
N ALA A 58 13.04 -1.53 -11.06
CA ALA A 58 13.82 -1.03 -9.93
C ALA A 58 12.99 -0.28 -8.88
N HIS A 59 11.74 0.13 -9.18
CA HIS A 59 10.83 0.74 -8.20
C HIS A 59 9.98 -0.34 -7.50
N ALA A 60 9.41 -1.26 -8.27
CA ALA A 60 8.68 -2.43 -7.76
C ALA A 60 9.55 -3.33 -6.89
N VAL A 61 10.66 -3.83 -7.43
CA VAL A 61 11.55 -4.76 -6.72
C VAL A 61 12.14 -4.13 -5.45
N ASP A 62 12.30 -2.81 -5.44
CA ASP A 62 12.72 -2.04 -4.28
C ASP A 62 11.58 -1.91 -3.27
N ALA A 63 10.41 -1.39 -3.67
CA ALA A 63 9.28 -1.14 -2.78
C ALA A 63 8.88 -2.38 -1.97
N VAL A 64 8.88 -3.57 -2.59
CA VAL A 64 8.64 -4.85 -1.92
C VAL A 64 9.63 -5.14 -0.79
N LYS A 65 10.91 -4.79 -0.98
CA LYS A 65 11.97 -4.96 0.02
C LYS A 65 12.12 -3.73 0.96
N ASN A 66 11.25 -2.73 0.86
CA ASN A 66 11.29 -1.53 1.71
C ASN A 66 10.00 -1.31 2.52
N ALA A 67 8.83 -1.71 2.00
CA ALA A 67 7.57 -1.54 2.71
C ALA A 67 6.97 -2.88 3.20
N ASP A 68 7.80 -3.92 3.34
CA ASP A 68 7.43 -5.25 3.81
C ASP A 68 6.79 -5.23 5.20
N GLY A 69 5.47 -5.02 5.25
CA GLY A 69 4.66 -5.11 6.46
C GLY A 69 4.39 -3.75 7.12
N TYR A 70 3.44 -2.99 6.58
CA TYR A 70 3.09 -1.64 7.03
C TYR A 70 2.69 -1.59 8.52
N LYS A 71 3.30 -0.69 9.30
CA LYS A 71 3.09 -0.57 10.76
C LYS A 71 1.81 0.18 11.17
N LEU A 72 0.64 -0.25 10.70
CA LEU A 72 -0.68 0.33 11.02
C LEU A 72 -0.99 0.37 12.53
N ASP A 73 -0.40 -0.55 13.31
CA ASP A 73 -0.61 -0.71 14.75
C ASP A 73 -2.09 -1.02 15.07
N LYS A 74 -2.51 -2.28 14.81
CA LYS A 74 -3.92 -2.69 14.96
C LYS A 74 -4.10 -4.12 15.50
N GLN A 75 -3.66 -5.15 14.75
CA GLN A 75 -3.72 -6.56 15.14
C GLN A 75 -2.60 -7.36 14.47
N HIS A 76 -2.71 -7.63 13.16
CA HIS A 76 -1.72 -8.36 12.36
C HIS A 76 -1.12 -7.45 11.28
N THR A 77 0.16 -7.68 11.00
CA THR A 77 0.94 -6.97 9.97
C THR A 77 0.54 -7.41 8.56
N PHE A 78 0.93 -6.60 7.58
CA PHE A 78 0.71 -6.85 6.15
C PHE A 78 1.88 -7.64 5.55
N ARG A 79 1.74 -8.04 4.29
CA ARG A 79 2.74 -8.82 3.55
C ARG A 79 2.91 -8.29 2.13
N VAL A 80 3.79 -7.30 1.94
CA VAL A 80 4.09 -6.74 0.62
C VAL A 80 5.06 -7.67 -0.10
N ASN A 81 4.62 -8.20 -1.24
CA ASN A 81 5.35 -9.14 -2.08
C ASN A 81 5.18 -8.77 -3.56
N ASP B 1 0.95 9.86 3.87
CA ASP B 1 -0.19 10.55 4.43
C ASP B 1 0.10 12.07 4.50
N GLU B 2 -0.80 12.85 5.12
CA GLU B 2 -0.77 14.30 5.31
C GLU B 2 0.36 14.77 6.26
N ASP B 3 1.60 14.36 5.97
CA ASP B 3 2.84 14.66 6.70
C ASP B 3 2.76 14.32 8.20
N VAL B 4 2.58 13.02 8.52
CA VAL B 4 2.37 12.50 9.88
C VAL B 4 3.30 11.32 10.23
N LYS B 5 4.62 11.54 10.15
CA LYS B 5 5.63 10.50 10.34
C LYS B 5 5.48 9.41 9.27
N ASP B 6 6.04 8.23 9.54
CA ASP B 6 6.05 7.08 8.64
C ASP B 6 5.24 5.90 9.21
N ASN B 7 4.08 6.15 9.84
CA ASN B 7 3.18 5.14 10.44
C ASN B 7 2.61 4.07 9.48
N TRP B 8 3.15 3.99 8.26
CA TRP B 8 2.82 3.04 7.21
C TRP B 8 4.08 2.57 6.42
N ASP B 9 5.32 2.98 6.77
CA ASP B 9 6.57 2.56 6.11
C ASP B 9 7.45 1.68 7.01
N ASP B 10 7.54 0.39 6.70
CA ASP B 10 8.46 -0.56 7.34
C ASP B 10 9.89 0.00 7.43
N ASP B 11 10.52 -0.10 8.59
CA ASP B 11 11.86 0.44 8.86
C ASP B 11 12.83 -0.64 9.35
N ASP A 1 8.32 -8.76 -12.40
CA ASP A 1 9.32 -8.01 -11.61
C ASP A 1 9.19 -6.46 -11.65
N SER A 2 8.09 -5.94 -12.17
CA SER A 2 7.81 -4.50 -12.34
C SER A 2 6.60 -4.00 -11.56
N VAL A 3 6.04 -4.85 -10.70
CA VAL A 3 4.81 -4.56 -9.96
C VAL A 3 4.86 -5.10 -8.54
N ILE A 4 3.96 -4.64 -7.68
CA ILE A 4 3.88 -5.09 -6.28
C ILE A 4 2.45 -5.49 -5.91
N VAL A 5 2.32 -6.46 -5.00
CA VAL A 5 1.05 -6.90 -4.44
C VAL A 5 1.18 -7.03 -2.94
N VAL A 6 0.16 -6.55 -2.24
CA VAL A 6 0.09 -6.59 -0.79
C VAL A 6 -0.98 -7.58 -0.37
N ASP A 7 -0.83 -8.13 0.84
CA ASP A 7 -1.81 -9.01 1.45
C ASP A 7 -2.16 -8.58 2.87
N ASN A 8 -3.35 -9.04 3.32
CA ASN A 8 -3.93 -8.75 4.62
C ASN A 8 -4.22 -7.24 4.83
N VAL A 9 -4.70 -6.54 3.78
CA VAL A 9 -5.15 -5.13 3.80
C VAL A 9 -6.68 -4.99 3.90
N PRO A 10 -7.26 -5.08 5.12
CA PRO A 10 -8.67 -4.77 5.30
C PRO A 10 -8.94 -3.29 5.00
N GLN A 11 -10.07 -3.00 4.35
CA GLN A 11 -10.54 -1.62 4.18
C GLN A 11 -10.96 -0.98 5.52
N VAL A 12 -11.34 0.30 5.47
CA VAL A 12 -11.78 1.09 6.62
C VAL A 12 -13.03 1.90 6.28
N GLY A 13 -13.71 2.38 7.32
CA GLY A 13 -14.94 3.16 7.20
C GLY A 13 -14.78 4.54 6.54
N PRO A 14 -15.85 5.34 6.52
CA PRO A 14 -15.85 6.68 5.96
C PRO A 14 -14.89 7.61 6.72
N ASP A 15 -14.59 8.77 6.11
CA ASP A 15 -13.66 9.76 6.67
C ASP A 15 -12.22 9.21 6.82
N ARG A 16 -11.94 8.04 6.23
CA ARG A 16 -10.63 7.38 6.22
C ARG A 16 -10.38 6.49 4.98
N LEU A 17 -11.43 5.95 4.34
CA LEU A 17 -11.28 5.10 3.15
C LEU A 17 -10.43 5.71 2.02
N GLU A 18 -10.46 7.04 1.88
CA GLU A 18 -9.70 7.80 0.87
C GLU A 18 -8.19 7.71 1.19
N LYS A 19 -7.86 7.97 2.46
CA LYS A 19 -6.53 7.83 3.05
C LYS A 19 -5.93 6.46 2.74
N LEU A 20 -6.72 5.39 2.66
CA LEU A 20 -6.24 4.04 2.30
C LEU A 20 -5.38 4.08 1.02
N LYS A 21 -5.95 4.46 -0.12
CA LYS A 21 -5.21 4.62 -1.39
C LYS A 21 -4.33 5.88 -1.40
N ASN A 22 -4.72 6.95 -0.69
CA ASN A 22 -3.89 8.16 -0.61
C ASN A 22 -2.53 7.90 0.03
N VAL A 23 -2.49 7.37 1.27
CA VAL A 23 -1.23 7.10 2.01
C VAL A 23 -0.30 6.21 1.20
N ILE A 24 -0.86 5.26 0.43
CA ILE A 24 -0.12 4.44 -0.55
C ILE A 24 0.76 5.31 -1.46
N HIS A 25 0.24 6.41 -2.02
CA HIS A 25 1.01 7.31 -2.90
C HIS A 25 2.12 8.09 -2.17
N LYS A 26 2.06 8.16 -0.83
CA LYS A 26 3.06 8.84 0.01
C LYS A 26 4.12 7.86 0.52
N ILE A 27 3.73 6.72 1.11
CA ILE A 27 4.68 5.70 1.57
C ILE A 27 5.57 5.22 0.43
N PHE A 28 5.00 5.12 -0.79
CA PHE A 28 5.71 4.66 -1.96
C PHE A 28 6.35 5.80 -2.75
N SER A 29 6.19 7.06 -2.33
CA SER A 29 6.78 8.22 -2.99
C SER A 29 8.29 8.35 -2.75
N LYS A 30 8.82 7.84 -1.63
CA LYS A 30 10.28 7.89 -1.38
C LYS A 30 11.08 7.01 -2.36
N PHE A 31 10.45 6.01 -2.97
CA PHE A 31 11.09 5.08 -3.90
C PHE A 31 10.92 5.50 -5.38
N GLY A 32 10.03 6.46 -5.66
CA GLY A 32 9.67 6.85 -7.02
C GLY A 32 8.24 7.37 -7.11
N LYS A 33 7.59 7.22 -8.28
CA LYS A 33 6.20 7.63 -8.51
C LYS A 33 5.40 6.45 -9.06
N ILE A 34 4.31 6.09 -8.39
CA ILE A 34 3.39 5.02 -8.83
C ILE A 34 2.52 5.56 -9.97
N THR A 35 2.44 4.83 -11.09
CA THR A 35 1.64 5.21 -12.26
C THR A 35 0.30 4.47 -12.34
N ASN A 36 0.24 3.23 -11.82
CA ASN A 36 -0.96 2.39 -11.84
C ASN A 36 -1.53 2.25 -10.41
N ASP A 37 -2.79 1.82 -10.28
CA ASP A 37 -3.40 1.52 -8.98
C ASP A 37 -4.71 0.73 -9.13
N PHE A 38 -4.82 -0.43 -8.46
CA PHE A 38 -6.01 -1.29 -8.54
C PHE A 38 -6.40 -1.81 -7.16
N TYR A 39 -7.66 -1.52 -6.79
CA TYR A 39 -8.27 -1.83 -5.52
C TYR A 39 -9.49 -2.73 -5.75
N PRO A 40 -9.31 -4.06 -5.84
CA PRO A 40 -10.41 -5.01 -6.05
C PRO A 40 -11.28 -5.12 -4.80
N GLU A 41 -12.42 -5.81 -4.91
CA GLU A 41 -13.33 -6.11 -3.79
C GLU A 41 -14.00 -7.47 -3.95
N GLU A 42 -14.74 -7.88 -2.91
CA GLU A 42 -15.52 -9.11 -2.88
C GLU A 42 -17.01 -8.79 -2.77
N ASP A 43 -17.79 -9.06 -3.82
CA ASP A 43 -19.22 -8.82 -3.92
C ASP A 43 -19.64 -7.37 -3.53
N GLY A 44 -18.76 -6.39 -3.75
CA GLY A 44 -19.01 -4.99 -3.37
C GLY A 44 -18.76 -4.73 -1.87
N LYS A 45 -18.11 -5.66 -1.18
CA LYS A 45 -17.81 -5.62 0.25
C LYS A 45 -16.29 -5.46 0.45
N THR A 46 -15.87 -5.44 1.72
CA THR A 46 -14.52 -5.16 2.19
C THR A 46 -13.47 -6.10 1.59
N LYS A 47 -12.54 -5.55 0.80
CA LYS A 47 -11.35 -6.26 0.30
C LYS A 47 -10.31 -6.58 1.38
N GLY A 48 -9.31 -7.37 0.97
CA GLY A 48 -8.14 -7.77 1.74
C GLY A 48 -6.81 -7.77 0.97
N TYR A 49 -6.76 -7.34 -0.29
CA TYR A 49 -5.58 -7.30 -1.16
C TYR A 49 -5.69 -6.10 -2.12
N ILE A 50 -4.54 -5.56 -2.57
CA ILE A 50 -4.44 -4.51 -3.61
C ILE A 50 -3.31 -4.83 -4.60
N PHE A 51 -3.29 -4.13 -5.74
CA PHE A 51 -2.30 -4.28 -6.80
C PHE A 51 -1.82 -2.90 -7.27
N LEU A 52 -0.50 -2.70 -7.26
CA LEU A 52 0.16 -1.49 -7.75
C LEU A 52 1.26 -1.83 -8.76
N GLU A 53 1.49 -0.93 -9.70
CA GLU A 53 2.52 -1.05 -10.73
C GLU A 53 3.27 0.28 -10.90
N TYR A 54 4.59 0.18 -10.92
CA TYR A 54 5.47 1.31 -11.13
C TYR A 54 5.87 1.45 -12.59
N ALA A 55 6.46 2.60 -12.92
CA ALA A 55 6.98 2.90 -14.24
C ALA A 55 8.36 2.26 -14.50
N SER A 56 8.86 1.36 -13.63
CA SER A 56 10.15 0.70 -13.80
C SER A 56 10.36 -0.45 -12.80
N PRO A 57 11.18 -1.46 -13.14
CA PRO A 57 11.45 -2.65 -12.30
C PRO A 57 12.16 -2.27 -11.00
N ALA A 58 13.19 -1.42 -11.10
CA ALA A 58 13.95 -0.88 -9.97
C ALA A 58 13.07 -0.18 -8.92
N HIS A 59 11.84 0.24 -9.25
CA HIS A 59 10.92 0.83 -8.27
C HIS A 59 10.15 -0.28 -7.53
N ALA A 60 9.58 -1.23 -8.28
CA ALA A 60 8.84 -2.37 -7.73
C ALA A 60 9.73 -3.30 -6.89
N VAL A 61 10.87 -3.74 -7.44
CA VAL A 61 11.79 -4.65 -6.73
C VAL A 61 12.33 -4.02 -5.45
N ASP A 62 12.51 -2.69 -5.46
CA ASP A 62 12.86 -1.92 -4.28
C ASP A 62 11.68 -1.89 -3.30
N ALA A 63 10.51 -1.41 -3.71
CA ALA A 63 9.38 -1.20 -2.82
C ALA A 63 8.97 -2.47 -2.06
N VAL A 64 9.01 -3.63 -2.71
CA VAL A 64 8.78 -4.95 -2.07
C VAL A 64 9.78 -5.24 -0.95
N LYS A 65 11.07 -4.92 -1.17
CA LYS A 65 12.14 -5.10 -0.20
C LYS A 65 12.26 -3.93 0.81
N ASN A 66 11.37 -2.93 0.73
CA ASN A 66 11.38 -1.78 1.63
C ASN A 66 10.12 -1.73 2.50
N ALA A 67 8.93 -1.77 1.87
CA ALA A 67 7.64 -1.66 2.56
C ALA A 67 7.09 -3.01 3.05
N ASP A 68 7.93 -4.05 3.19
CA ASP A 68 7.58 -5.41 3.62
C ASP A 68 6.80 -5.44 4.95
N GLY A 69 5.47 -5.31 4.88
CA GLY A 69 4.57 -5.30 6.04
C GLY A 69 4.45 -3.89 6.64
N TYR A 70 3.42 -3.15 6.24
CA TYR A 70 3.12 -1.81 6.77
C TYR A 70 2.89 -1.82 8.29
N LYS A 71 3.11 -0.67 8.93
CA LYS A 71 3.10 -0.51 10.38
C LYS A 71 1.88 0.30 10.83
N LEU A 72 0.69 -0.27 10.59
CA LEU A 72 -0.63 0.23 11.03
C LEU A 72 -0.78 0.29 12.56
N ASP A 73 0.23 -0.18 13.32
CA ASP A 73 0.23 -0.18 14.79
C ASP A 73 -0.93 -1.03 15.36
N LYS A 74 -1.29 -2.10 14.62
CA LYS A 74 -2.39 -3.04 14.89
C LYS A 74 -1.84 -4.45 15.20
N GLN A 75 -2.74 -5.35 15.63
CA GLN A 75 -2.38 -6.71 16.07
C GLN A 75 -1.92 -7.63 14.93
N HIS A 76 -2.40 -7.39 13.71
CA HIS A 76 -2.09 -8.18 12.50
C HIS A 76 -1.35 -7.31 11.49
N THR A 77 -0.26 -7.84 10.95
CA THR A 77 0.61 -7.15 9.99
C THR A 77 0.27 -7.57 8.56
N PHE A 78 0.76 -6.80 7.58
CA PHE A 78 0.55 -7.00 6.14
C PHE A 78 1.72 -7.76 5.53
N ARG A 79 1.59 -8.14 4.25
CA ARG A 79 2.62 -8.88 3.51
C ARG A 79 2.79 -8.31 2.10
N VAL A 80 3.76 -7.40 1.92
CA VAL A 80 4.06 -6.76 0.62
C VAL A 80 5.09 -7.59 -0.14
N ASN A 81 4.66 -8.26 -1.22
CA ASN A 81 5.51 -9.09 -2.08
C ASN A 81 5.27 -8.78 -3.58
N ASP B 1 -1.05 10.40 5.02
CA ASP B 1 -1.32 11.22 3.86
C ASP B 1 -0.49 12.51 3.83
N GLU B 2 -0.27 13.17 4.97
CA GLU B 2 0.56 14.38 5.08
C GLU B 2 1.14 14.47 6.49
N ASP B 3 0.29 14.81 7.47
CA ASP B 3 0.64 14.85 8.88
C ASP B 3 0.56 13.45 9.52
N VAL B 4 0.85 13.36 10.83
CA VAL B 4 0.96 12.14 11.64
C VAL B 4 2.34 11.47 11.42
N LYS B 5 2.75 10.61 12.35
CA LYS B 5 3.90 9.71 12.17
C LYS B 5 3.68 8.75 11.00
N ASP B 6 4.70 7.92 10.76
CA ASP B 6 4.71 6.82 9.80
C ASP B 6 3.74 5.68 10.22
N ASN B 7 2.45 5.97 10.35
CA ASN B 7 1.37 4.99 10.63
C ASN B 7 1.18 3.96 9.49
N TRP B 8 1.85 4.16 8.37
CA TRP B 8 1.83 3.25 7.20
C TRP B 8 3.22 3.06 6.59
N ASP B 9 4.15 4.00 6.82
CA ASP B 9 5.52 4.00 6.34
C ASP B 9 6.52 3.46 7.39
N ASP B 10 7.74 3.20 6.99
CA ASP B 10 8.83 2.80 7.87
C ASP B 10 9.18 3.93 8.83
N ASP B 11 9.05 3.67 10.14
CA ASP B 11 9.19 4.66 11.21
C ASP B 11 10.61 5.22 11.31
N ASP A 1 8.36 -8.55 -12.56
CA ASP A 1 9.37 -7.86 -11.75
C ASP A 1 9.30 -6.31 -11.73
N SER A 2 8.12 -5.78 -12.04
CA SER A 2 7.82 -4.37 -12.25
C SER A 2 6.58 -3.88 -11.48
N VAL A 3 6.01 -4.74 -10.62
CA VAL A 3 4.76 -4.50 -9.90
C VAL A 3 4.81 -5.06 -8.49
N ILE A 4 3.91 -4.61 -7.62
CA ILE A 4 3.84 -5.02 -6.21
C ILE A 4 2.40 -5.41 -5.85
N VAL A 5 2.27 -6.35 -4.90
CA VAL A 5 1.00 -6.79 -4.33
C VAL A 5 1.15 -6.90 -2.82
N VAL A 6 0.17 -6.33 -2.11
CA VAL A 6 0.07 -6.38 -0.66
C VAL A 6 -1.06 -7.33 -0.26
N ASP A 7 -0.91 -7.93 0.92
CA ASP A 7 -1.90 -8.80 1.54
C ASP A 7 -2.24 -8.34 2.97
N ASN A 8 -3.32 -8.89 3.51
CA ASN A 8 -3.90 -8.57 4.82
C ASN A 8 -4.32 -7.08 4.96
N VAL A 9 -4.90 -6.51 3.88
CA VAL A 9 -5.37 -5.11 3.81
C VAL A 9 -6.91 -5.03 3.78
N PRO A 10 -7.58 -5.14 4.96
CA PRO A 10 -9.02 -4.97 5.05
C PRO A 10 -9.42 -3.53 4.73
N GLN A 11 -10.55 -3.37 4.05
CA GLN A 11 -11.18 -2.06 3.84
C GLN A 11 -11.67 -1.45 5.16
N VAL A 12 -11.94 -0.13 5.18
CA VAL A 12 -12.28 0.65 6.37
C VAL A 12 -13.50 1.55 6.12
N GLY A 13 -14.01 2.20 7.17
CA GLY A 13 -15.14 3.12 7.06
C GLY A 13 -14.80 4.48 6.42
N PRO A 14 -15.78 5.39 6.38
CA PRO A 14 -15.61 6.75 5.86
C PRO A 14 -14.60 7.53 6.70
N ASP A 15 -14.18 8.70 6.20
CA ASP A 15 -13.16 9.58 6.81
C ASP A 15 -11.76 8.95 6.88
N ARG A 16 -11.59 7.73 6.36
CA ARG A 16 -10.33 6.96 6.33
C ARG A 16 -10.14 6.14 5.04
N LEU A 17 -11.20 5.70 4.36
CA LEU A 17 -11.08 4.93 3.11
C LEU A 17 -10.19 5.58 2.03
N GLU A 18 -10.17 6.91 1.95
CA GLU A 18 -9.36 7.68 1.01
C GLU A 18 -7.87 7.55 1.35
N LYS A 19 -7.54 7.64 2.64
CA LYS A 19 -6.22 7.44 3.22
C LYS A 19 -5.63 6.11 2.75
N LEU A 20 -6.42 5.03 2.63
CA LEU A 20 -5.94 3.72 2.15
C LEU A 20 -5.19 3.77 0.82
N LYS A 21 -5.68 4.54 -0.17
CA LYS A 21 -5.02 4.73 -1.46
C LYS A 21 -4.11 5.96 -1.46
N ASN A 22 -4.41 6.97 -0.64
CA ASN A 22 -3.54 8.13 -0.46
C ASN A 22 -2.18 7.73 0.13
N VAL A 23 -2.15 7.16 1.34
CA VAL A 23 -0.92 6.80 2.08
C VAL A 23 0.00 5.94 1.24
N ILE A 24 -0.56 5.06 0.41
CA ILE A 24 0.15 4.28 -0.62
C ILE A 24 1.05 5.22 -1.43
N HIS A 25 0.52 6.29 -2.02
CA HIS A 25 1.29 7.22 -2.84
C HIS A 25 2.37 7.93 -2.04
N LYS A 26 2.13 8.24 -0.76
CA LYS A 26 3.12 8.88 0.12
C LYS A 26 4.24 7.93 0.49
N ILE A 27 3.94 6.75 1.02
CA ILE A 27 4.96 5.78 1.41
C ILE A 27 5.83 5.39 0.21
N PHE A 28 5.19 5.18 -0.94
CA PHE A 28 5.89 4.75 -2.14
C PHE A 28 6.50 5.90 -2.94
N SER A 29 6.34 7.15 -2.50
CA SER A 29 6.89 8.34 -3.14
C SER A 29 8.40 8.49 -2.94
N LYS A 30 8.99 7.96 -1.86
CA LYS A 30 10.45 8.04 -1.65
C LYS A 30 11.25 7.19 -2.65
N PHE A 31 10.62 6.16 -3.22
CA PHE A 31 11.24 5.25 -4.20
C PHE A 31 10.98 5.68 -5.65
N GLY A 32 10.08 6.65 -5.89
CA GLY A 32 9.68 7.09 -7.22
C GLY A 32 8.23 7.58 -7.26
N LYS A 33 7.53 7.29 -8.36
CA LYS A 33 6.11 7.63 -8.56
C LYS A 33 5.36 6.42 -9.13
N ILE A 34 4.22 6.09 -8.51
CA ILE A 34 3.31 5.03 -8.95
C ILE A 34 2.42 5.59 -10.06
N THR A 35 2.37 4.90 -11.20
CA THR A 35 1.55 5.27 -12.37
C THR A 35 0.22 4.51 -12.44
N ASN A 36 0.18 3.25 -11.98
CA ASN A 36 -1.01 2.39 -11.96
C ASN A 36 -1.58 2.28 -10.54
N ASP A 37 -2.83 1.80 -10.40
CA ASP A 37 -3.45 1.52 -9.10
C ASP A 37 -4.74 0.71 -9.25
N PHE A 38 -4.85 -0.43 -8.54
CA PHE A 38 -6.02 -1.30 -8.59
C PHE A 38 -6.41 -1.79 -7.19
N TYR A 39 -7.63 -1.43 -6.79
CA TYR A 39 -8.25 -1.75 -5.50
C TYR A 39 -9.49 -2.63 -5.76
N PRO A 40 -9.34 -3.97 -5.86
CA PRO A 40 -10.45 -4.89 -6.06
C PRO A 40 -11.34 -4.97 -4.81
N GLU A 41 -12.48 -5.69 -4.88
CA GLU A 41 -13.36 -5.96 -3.74
C GLU A 41 -14.01 -7.35 -3.84
N GLU A 42 -14.71 -7.75 -2.77
CA GLU A 42 -15.43 -9.02 -2.66
C GLU A 42 -16.94 -8.75 -2.59
N ASP A 43 -17.67 -9.07 -3.66
CA ASP A 43 -19.13 -8.87 -3.78
C ASP A 43 -19.60 -7.42 -3.49
N GLY A 44 -18.72 -6.43 -3.71
CA GLY A 44 -19.02 -5.03 -3.38
C GLY A 44 -18.78 -4.69 -1.90
N LYS A 45 -18.13 -5.58 -1.14
CA LYS A 45 -17.79 -5.43 0.28
C LYS A 45 -16.27 -5.30 0.45
N THR A 46 -15.86 -5.14 1.70
CA THR A 46 -14.49 -4.91 2.17
C THR A 46 -13.44 -5.87 1.61
N LYS A 47 -12.59 -5.39 0.69
CA LYS A 47 -11.43 -6.12 0.15
C LYS A 47 -10.45 -6.54 1.25
N GLY A 48 -9.47 -7.35 0.85
CA GLY A 48 -8.30 -7.79 1.63
C GLY A 48 -6.93 -7.68 0.95
N TYR A 49 -6.87 -7.25 -0.32
CA TYR A 49 -5.65 -7.19 -1.15
C TYR A 49 -5.73 -5.98 -2.09
N ILE A 50 -4.58 -5.45 -2.52
CA ILE A 50 -4.46 -4.42 -3.57
C ILE A 50 -3.31 -4.75 -4.55
N PHE A 51 -3.29 -4.09 -5.70
CA PHE A 51 -2.30 -4.26 -6.77
C PHE A 51 -1.85 -2.88 -7.27
N LEU A 52 -0.52 -2.67 -7.30
CA LEU A 52 0.12 -1.47 -7.80
C LEU A 52 1.24 -1.82 -8.79
N GLU A 53 1.47 -0.93 -9.76
CA GLU A 53 2.50 -1.06 -10.77
C GLU A 53 3.25 0.27 -10.94
N TYR A 54 4.58 0.16 -11.00
CA TYR A 54 5.47 1.29 -11.24
C TYR A 54 5.82 1.43 -12.72
N ALA A 55 6.45 2.56 -13.07
CA ALA A 55 6.97 2.83 -14.40
C ALA A 55 8.26 2.04 -14.72
N SER A 56 8.82 1.27 -13.77
CA SER A 56 10.12 0.60 -13.91
C SER A 56 10.34 -0.53 -12.88
N PRO A 57 11.20 -1.52 -13.19
CA PRO A 57 11.45 -2.68 -12.34
C PRO A 57 12.11 -2.28 -11.02
N ALA A 58 13.17 -1.45 -11.10
CA ALA A 58 13.94 -0.91 -9.99
C ALA A 58 13.08 -0.21 -8.93
N HIS A 59 11.86 0.24 -9.26
CA HIS A 59 10.93 0.84 -8.29
C HIS A 59 10.15 -0.25 -7.55
N ALA A 60 9.61 -1.24 -8.27
CA ALA A 60 8.85 -2.35 -7.70
C ALA A 60 9.72 -3.29 -6.86
N VAL A 61 10.85 -3.76 -7.40
CA VAL A 61 11.76 -4.70 -6.72
C VAL A 61 12.32 -4.11 -5.42
N ASP A 62 12.48 -2.79 -5.40
CA ASP A 62 12.80 -1.99 -4.23
C ASP A 62 11.58 -1.95 -3.30
N ALA A 63 10.44 -1.39 -3.72
CA ALA A 63 9.25 -1.19 -2.91
C ALA A 63 8.77 -2.46 -2.17
N VAL A 64 8.80 -3.62 -2.83
CA VAL A 64 8.53 -4.92 -2.19
C VAL A 64 9.39 -5.14 -0.95
N LYS A 65 10.71 -4.92 -1.07
CA LYS A 65 11.71 -5.04 -0.02
C LYS A 65 11.95 -3.70 0.71
N ASN A 66 11.02 -2.74 0.63
CA ASN A 66 11.05 -1.47 1.37
C ASN A 66 9.73 -1.11 2.07
N ALA A 67 8.68 -1.91 1.91
CA ALA A 67 7.38 -1.71 2.56
C ALA A 67 6.78 -3.02 3.10
N ASP A 68 7.60 -4.05 3.31
CA ASP A 68 7.21 -5.37 3.79
C ASP A 68 6.58 -5.32 5.21
N GLY A 69 5.31 -4.94 5.28
CA GLY A 69 4.50 -4.98 6.50
C GLY A 69 4.30 -3.62 7.15
N TYR A 70 3.26 -2.89 6.73
CA TYR A 70 2.93 -1.55 7.22
C TYR A 70 2.48 -1.50 8.71
N LYS A 71 2.82 -0.44 9.43
CA LYS A 71 2.43 -0.21 10.83
C LYS A 71 1.03 0.42 11.00
N LEU A 72 -0.03 -0.31 10.61
CA LEU A 72 -1.43 0.08 10.84
C LEU A 72 -1.80 0.26 12.34
N ASP A 73 -0.92 -0.14 13.26
CA ASP A 73 -1.10 -0.09 14.73
C ASP A 73 -2.05 -1.19 15.24
N LYS A 74 -2.15 -2.29 14.48
CA LYS A 74 -2.99 -3.47 14.70
C LYS A 74 -2.18 -4.68 15.19
N GLN A 75 -2.86 -5.76 15.57
CA GLN A 75 -2.25 -6.99 16.11
C GLN A 75 -1.47 -7.82 15.08
N HIS A 76 -1.84 -7.74 13.79
CA HIS A 76 -1.23 -8.48 12.69
C HIS A 76 -0.75 -7.50 11.62
N THR A 77 0.38 -7.83 11.01
CA THR A 77 1.05 -7.01 10.00
C THR A 77 0.64 -7.43 8.58
N PHE A 78 1.02 -6.64 7.58
CA PHE A 78 0.80 -6.90 6.15
C PHE A 78 1.99 -7.64 5.55
N ARG A 79 1.84 -8.09 4.30
CA ARG A 79 2.85 -8.84 3.56
C ARG A 79 2.94 -8.31 2.12
N VAL A 80 3.90 -7.40 1.86
CA VAL A 80 4.14 -6.82 0.51
C VAL A 80 5.13 -7.70 -0.25
N ASN A 81 4.71 -8.31 -1.35
CA ASN A 81 5.55 -9.14 -2.21
C ASN A 81 5.28 -8.82 -3.70
N ASP B 1 -1.80 10.75 5.33
CA ASP B 1 -1.42 11.43 4.10
C ASP B 1 -0.34 12.51 4.28
N GLU B 2 -0.18 13.07 5.49
CA GLU B 2 0.74 14.12 5.89
C GLU B 2 0.64 14.33 7.41
N ASP B 3 1.39 15.31 7.94
CA ASP B 3 1.37 15.74 9.35
C ASP B 3 1.68 14.62 10.37
N VAL B 4 2.35 13.56 9.94
CA VAL B 4 2.75 12.37 10.69
C VAL B 4 4.10 11.85 10.16
N LYS B 5 4.84 11.11 10.97
CA LYS B 5 6.08 10.40 10.58
C LYS B 5 5.79 9.44 9.42
N ASP B 6 5.07 8.36 9.71
CA ASP B 6 4.77 7.23 8.82
C ASP B 6 3.94 6.16 9.57
N ASN B 7 2.63 6.39 9.72
CA ASN B 7 1.70 5.36 10.17
C ASN B 7 1.50 4.23 9.14
N TRP B 8 2.21 4.27 8.00
CA TRP B 8 2.12 3.28 6.94
C TRP B 8 3.44 3.26 6.17
N ASP B 9 4.42 2.44 6.60
CA ASP B 9 5.68 2.10 5.91
C ASP B 9 6.37 0.88 6.56
N ASP B 10 7.60 0.55 6.16
CA ASP B 10 8.49 -0.34 6.90
C ASP B 10 9.94 0.15 6.75
N ASP B 11 10.81 -0.19 7.70
CA ASP B 11 12.24 0.16 7.69
C ASP B 11 13.06 -0.94 7.04
N ASP A 1 7.94 -8.83 -12.39
CA ASP A 1 8.97 -8.12 -11.63
C ASP A 1 8.92 -6.58 -11.70
N SER A 2 7.79 -6.04 -12.13
CA SER A 2 7.51 -4.61 -12.38
C SER A 2 6.34 -4.06 -11.55
N VAL A 3 5.74 -4.89 -10.70
CA VAL A 3 4.52 -4.57 -9.96
C VAL A 3 4.61 -5.09 -8.52
N ILE A 4 3.75 -4.56 -7.64
CA ILE A 4 3.71 -4.91 -6.22
C ILE A 4 2.27 -5.18 -5.78
N VAL A 5 2.12 -5.97 -4.72
CA VAL A 5 0.85 -6.33 -4.10
C VAL A 5 1.01 -6.44 -2.60
N VAL A 6 -0.12 -6.40 -1.90
CA VAL A 6 -0.19 -6.41 -0.44
C VAL A 6 -1.31 -7.34 -0.03
N ASP A 7 -1.03 -8.29 0.86
CA ASP A 7 -2.03 -9.13 1.51
C ASP A 7 -2.40 -8.58 2.92
N ASN A 8 -3.53 -9.07 3.46
CA ASN A 8 -4.16 -8.74 4.74
C ASN A 8 -4.59 -7.26 4.88
N VAL A 9 -5.20 -6.68 3.85
CA VAL A 9 -5.68 -5.28 3.80
C VAL A 9 -7.22 -5.20 3.78
N PRO A 10 -7.87 -5.25 4.95
CA PRO A 10 -9.31 -5.03 5.04
C PRO A 10 -9.66 -3.58 4.70
N GLN A 11 -10.82 -3.38 4.06
CA GLN A 11 -11.41 -2.05 3.86
C GLN A 11 -11.78 -1.41 5.22
N VAL A 12 -11.92 -0.09 5.21
CA VAL A 12 -12.19 0.76 6.37
C VAL A 12 -13.35 1.71 6.03
N GLY A 13 -13.91 2.34 7.06
CA GLY A 13 -15.03 3.26 6.94
C GLY A 13 -14.66 4.65 6.36
N PRO A 14 -15.63 5.59 6.36
CA PRO A 14 -15.42 6.95 5.89
C PRO A 14 -14.37 7.67 6.75
N ASP A 15 -13.92 8.83 6.27
CA ASP A 15 -12.89 9.67 6.91
C ASP A 15 -11.49 9.00 6.94
N ARG A 16 -11.35 7.80 6.37
CA ARG A 16 -10.12 6.99 6.34
C ARG A 16 -9.91 6.17 5.07
N LEU A 17 -10.98 5.77 4.37
CA LEU A 17 -10.91 5.03 3.10
C LEU A 17 -10.02 5.68 2.02
N GLU A 18 -9.96 7.02 2.00
CA GLU A 18 -9.17 7.81 1.07
C GLU A 18 -7.69 7.64 1.38
N LYS A 19 -7.33 7.83 2.67
CA LYS A 19 -6.01 7.63 3.26
C LYS A 19 -5.43 6.29 2.82
N LEU A 20 -6.24 5.22 2.77
CA LEU A 20 -5.85 3.88 2.35
C LEU A 20 -5.04 3.83 1.04
N LYS A 21 -5.51 4.52 -0.01
CA LYS A 21 -4.79 4.68 -1.28
C LYS A 21 -3.91 5.95 -1.29
N ASN A 22 -4.30 7.02 -0.59
CA ASN A 22 -3.49 8.24 -0.46
C ASN A 22 -2.11 7.94 0.13
N VAL A 23 -2.05 7.38 1.35
CA VAL A 23 -0.80 7.01 2.03
C VAL A 23 0.05 6.11 1.16
N ILE A 24 -0.55 5.22 0.35
CA ILE A 24 0.16 4.43 -0.65
C ILE A 24 0.98 5.34 -1.60
N HIS A 25 0.43 6.45 -2.09
CA HIS A 25 1.17 7.37 -2.96
C HIS A 25 2.33 8.06 -2.23
N LYS A 26 2.15 8.40 -0.94
CA LYS A 26 3.20 9.08 -0.14
C LYS A 26 4.30 8.09 0.29
N ILE A 27 3.93 6.94 0.88
CA ILE A 27 4.88 5.92 1.36
C ILE A 27 5.83 5.46 0.27
N PHE A 28 5.29 5.30 -0.94
CA PHE A 28 6.04 4.83 -2.07
C PHE A 28 6.74 5.96 -2.85
N SER A 29 6.49 7.23 -2.49
CA SER A 29 7.04 8.41 -3.16
C SER A 29 8.54 8.53 -2.94
N LYS A 30 9.09 7.98 -1.83
CA LYS A 30 10.55 7.96 -1.57
C LYS A 30 11.34 7.05 -2.53
N PHE A 31 10.67 6.11 -3.20
CA PHE A 31 11.29 5.18 -4.15
C PHE A 31 11.08 5.59 -5.61
N GLY A 32 10.17 6.55 -5.88
CA GLY A 32 9.81 6.97 -7.23
C GLY A 32 8.38 7.54 -7.28
N LYS A 33 7.68 7.29 -8.39
CA LYS A 33 6.30 7.72 -8.64
C LYS A 33 5.49 6.51 -9.13
N ILE A 34 4.37 6.22 -8.46
CA ILE A 34 3.41 5.18 -8.88
C ILE A 34 2.62 5.67 -10.10
N THR A 35 2.38 4.76 -11.04
CA THR A 35 1.61 4.99 -12.27
C THR A 35 0.29 4.21 -12.33
N ASN A 36 0.21 3.04 -11.67
CA ASN A 36 -0.97 2.18 -11.72
C ASN A 36 -1.32 1.74 -10.30
N ASP A 37 -2.61 1.78 -9.94
CA ASP A 37 -3.14 1.48 -8.62
C ASP A 37 -4.59 0.94 -8.68
N PHE A 38 -4.82 -0.27 -8.14
CA PHE A 38 -6.11 -0.94 -8.13
C PHE A 38 -6.37 -1.63 -6.78
N TYR A 39 -7.60 -1.49 -6.28
CA TYR A 39 -8.03 -1.98 -4.96
C TYR A 39 -9.19 -2.97 -5.15
N PRO A 40 -8.92 -4.22 -5.59
CA PRO A 40 -9.95 -5.20 -5.89
C PRO A 40 -10.70 -5.65 -4.64
N GLU A 41 -12.02 -5.84 -4.75
CA GLU A 41 -12.92 -6.24 -3.65
C GLU A 41 -13.56 -7.60 -3.92
N GLU A 42 -14.22 -8.16 -2.90
CA GLU A 42 -14.92 -9.44 -2.95
C GLU A 42 -16.42 -9.19 -2.78
N ASP A 43 -17.22 -9.54 -3.80
CA ASP A 43 -18.67 -9.35 -3.84
C ASP A 43 -19.13 -7.91 -3.52
N GLY A 44 -18.27 -6.89 -3.72
CA GLY A 44 -18.57 -5.49 -3.37
C GLY A 44 -18.40 -5.17 -1.88
N LYS A 45 -17.68 -6.02 -1.13
CA LYS A 45 -17.45 -5.96 0.32
C LYS A 45 -15.98 -5.66 0.61
N THR A 46 -15.62 -5.62 1.90
CA THR A 46 -14.26 -5.36 2.38
C THR A 46 -13.23 -6.24 1.65
N LYS A 47 -12.34 -5.62 0.86
CA LYS A 47 -11.18 -6.29 0.25
C LYS A 47 -10.26 -6.97 1.26
N GLY A 48 -9.31 -7.74 0.73
CA GLY A 48 -8.24 -8.39 1.49
C GLY A 48 -6.86 -8.24 0.87
N TYR A 49 -6.72 -7.74 -0.36
CA TYR A 49 -5.43 -7.47 -1.00
C TYR A 49 -5.52 -6.18 -1.84
N ILE A 50 -4.39 -5.57 -2.20
CA ILE A 50 -4.26 -4.46 -3.19
C ILE A 50 -3.26 -4.82 -4.30
N PHE A 51 -3.34 -4.11 -5.44
CA PHE A 51 -2.48 -4.29 -6.61
C PHE A 51 -1.99 -2.92 -7.12
N LEU A 52 -0.67 -2.71 -7.13
CA LEU A 52 0.00 -1.50 -7.62
C LEU A 52 1.03 -1.87 -8.70
N GLU A 53 1.22 -0.99 -9.69
CA GLU A 53 2.23 -1.17 -10.71
C GLU A 53 3.06 0.12 -10.87
N TYR A 54 4.38 -0.06 -10.97
CA TYR A 54 5.34 1.01 -11.23
C TYR A 54 5.69 1.11 -12.71
N ALA A 55 6.29 2.25 -13.07
CA ALA A 55 6.76 2.54 -14.42
C ALA A 55 8.07 1.81 -14.77
N SER A 56 8.72 1.14 -13.79
CA SER A 56 10.00 0.44 -13.93
C SER A 56 10.16 -0.70 -12.91
N PRO A 57 10.95 -1.75 -13.25
CA PRO A 57 11.20 -2.90 -12.36
C PRO A 57 11.94 -2.47 -11.10
N ALA A 58 12.99 -1.65 -11.26
CA ALA A 58 13.80 -1.08 -10.19
C ALA A 58 12.98 -0.35 -9.12
N HIS A 59 11.75 0.11 -9.42
CA HIS A 59 10.86 0.74 -8.43
C HIS A 59 10.10 -0.33 -7.65
N ALA A 60 9.48 -1.30 -8.34
CA ALA A 60 8.75 -2.42 -7.75
C ALA A 60 9.66 -3.28 -6.84
N VAL A 61 10.77 -3.77 -7.40
CA VAL A 61 11.70 -4.67 -6.70
C VAL A 61 12.31 -4.01 -5.45
N ASP A 62 12.49 -2.69 -5.48
CA ASP A 62 12.93 -1.90 -4.35
C ASP A 62 11.79 -1.70 -3.33
N ALA A 63 10.64 -1.17 -3.75
CA ALA A 63 9.49 -0.87 -2.88
C ALA A 63 9.06 -2.08 -2.05
N VAL A 64 9.00 -3.26 -2.67
CA VAL A 64 8.69 -4.52 -1.98
C VAL A 64 9.64 -4.78 -0.81
N LYS A 65 10.96 -4.64 -1.03
CA LYS A 65 12.04 -4.81 -0.04
C LYS A 65 12.20 -3.62 0.94
N ASN A 66 11.33 -2.61 0.85
CA ASN A 66 11.35 -1.46 1.76
C ASN A 66 10.06 -1.35 2.57
N ALA A 67 8.89 -1.49 1.94
CA ALA A 67 7.59 -1.39 2.59
C ALA A 67 7.03 -2.74 3.06
N ASP A 68 7.88 -3.75 3.27
CA ASP A 68 7.57 -5.11 3.75
C ASP A 68 6.67 -5.14 5.01
N GLY A 69 5.35 -4.99 4.83
CA GLY A 69 4.33 -4.98 5.88
C GLY A 69 4.18 -3.58 6.50
N TYR A 70 3.08 -2.89 6.17
CA TYR A 70 2.74 -1.57 6.74
C TYR A 70 2.40 -1.67 8.24
N LYS A 71 2.46 -0.53 8.95
CA LYS A 71 2.36 -0.44 10.41
C LYS A 71 1.13 0.36 10.90
N LEU A 72 -0.04 0.04 10.35
CA LEU A 72 -1.34 0.73 10.48
C LEU A 72 -1.58 1.27 11.89
N ASP A 73 -1.63 0.36 12.88
CA ASP A 73 -1.91 0.53 14.31
C ASP A 73 -2.28 -0.82 14.96
N LYS A 74 -3.21 -1.58 14.38
CA LYS A 74 -3.68 -2.88 14.92
C LYS A 74 -2.63 -3.98 14.79
N GLN A 75 -2.83 -5.10 15.51
CA GLN A 75 -1.91 -6.25 15.57
C GLN A 75 -1.72 -6.90 14.19
N HIS A 76 -2.82 -7.06 13.43
CA HIS A 76 -2.89 -7.69 12.10
C HIS A 76 -2.05 -6.91 11.07
N THR A 77 -0.85 -7.42 10.75
CA THR A 77 0.07 -6.79 9.80
C THR A 77 -0.15 -7.28 8.35
N PHE A 78 0.24 -6.43 7.41
CA PHE A 78 0.14 -6.62 5.97
C PHE A 78 1.36 -7.36 5.41
N ARG A 79 1.29 -7.80 4.14
CA ARG A 79 2.36 -8.56 3.47
C ARG A 79 2.64 -8.06 2.05
N VAL A 80 3.54 -7.07 1.93
CA VAL A 80 3.94 -6.48 0.64
C VAL A 80 4.90 -7.42 -0.10
N ASN A 81 4.50 -7.91 -1.27
CA ASN A 81 5.29 -8.82 -2.13
C ASN A 81 5.14 -8.47 -3.62
N ASP B 1 -0.01 10.01 5.24
CA ASP B 1 -0.63 11.01 4.36
C ASP B 1 0.23 12.25 4.12
N GLU B 2 1.10 12.61 5.07
CA GLU B 2 1.99 13.79 5.12
C GLU B 2 2.60 13.97 6.51
N ASP B 3 1.78 13.80 7.56
CA ASP B 3 2.17 13.98 8.96
C ASP B 3 1.80 12.73 9.79
N VAL B 4 1.90 12.81 11.12
CA VAL B 4 1.58 11.73 12.08
C VAL B 4 2.63 10.61 11.99
N LYS B 5 3.90 10.99 11.93
CA LYS B 5 5.06 10.09 11.79
C LYS B 5 4.87 9.22 10.52
N ASP B 6 5.37 7.98 10.57
CA ASP B 6 5.31 7.01 9.49
C ASP B 6 4.38 5.85 9.88
N ASN B 7 3.09 6.13 10.16
CA ASN B 7 2.10 5.09 10.50
C ASN B 7 1.82 4.06 9.38
N TRP B 8 2.49 4.21 8.24
CA TRP B 8 2.43 3.32 7.08
C TRP B 8 3.81 3.03 6.45
N ASP B 9 4.87 3.80 6.77
CA ASP B 9 6.17 3.76 6.07
C ASP B 9 7.21 3.00 6.90
N ASP B 10 7.61 1.83 6.42
CA ASP B 10 8.67 1.04 7.02
C ASP B 10 10.03 1.37 6.41
N ASP B 11 11.08 1.16 7.20
CA ASP B 11 12.49 1.22 6.85
C ASP B 11 13.32 0.53 7.95
N ASP A 1 8.40 -8.17 -13.18
CA ASP A 1 9.44 -7.51 -12.37
C ASP A 1 9.25 -6.00 -12.08
N SER A 2 8.08 -5.43 -12.38
CA SER A 2 7.76 -3.99 -12.37
C SER A 2 6.56 -3.61 -11.47
N VAL A 3 6.00 -4.56 -10.71
CA VAL A 3 4.75 -4.41 -9.94
C VAL A 3 4.86 -4.88 -8.49
N ILE A 4 3.88 -4.51 -7.67
CA ILE A 4 3.80 -4.90 -6.25
C ILE A 4 2.37 -5.32 -5.88
N VAL A 5 2.27 -6.18 -4.86
CA VAL A 5 1.02 -6.65 -4.27
C VAL A 5 1.18 -6.66 -2.76
N VAL A 6 0.06 -6.49 -2.06
CA VAL A 6 -0.03 -6.52 -0.60
C VAL A 6 -1.17 -7.44 -0.20
N ASP A 7 -1.07 -7.99 1.01
CA ASP A 7 -2.07 -8.85 1.64
C ASP A 7 -2.43 -8.34 3.04
N ASN A 8 -3.48 -8.90 3.65
CA ASN A 8 -4.06 -8.49 4.93
C ASN A 8 -4.57 -7.01 4.96
N VAL A 9 -5.01 -6.45 3.82
CA VAL A 9 -5.47 -5.05 3.70
C VAL A 9 -7.02 -4.95 3.71
N PRO A 10 -7.66 -4.89 4.90
CA PRO A 10 -9.09 -4.70 4.99
C PRO A 10 -9.50 -3.29 4.56
N GLN A 11 -10.78 -3.15 4.22
CA GLN A 11 -11.41 -1.85 3.97
C GLN A 11 -11.77 -1.15 5.30
N VAL A 12 -12.12 0.14 5.23
CA VAL A 12 -12.41 1.01 6.39
C VAL A 12 -13.61 1.91 6.08
N GLY A 13 -14.13 2.59 7.10
CA GLY A 13 -15.26 3.51 6.96
C GLY A 13 -14.89 4.88 6.36
N PRO A 14 -15.85 5.82 6.33
CA PRO A 14 -15.63 7.18 5.84
C PRO A 14 -14.57 7.91 6.68
N ASP A 15 -14.17 9.10 6.21
CA ASP A 15 -13.14 9.98 6.83
C ASP A 15 -11.74 9.35 6.90
N ARG A 16 -11.56 8.17 6.29
CA ARG A 16 -10.33 7.37 6.26
C ARG A 16 -10.18 6.49 5.00
N LEU A 17 -11.26 6.09 4.34
CA LEU A 17 -11.22 5.33 3.07
C LEU A 17 -10.30 5.93 1.99
N GLU A 18 -10.23 7.26 1.91
CA GLU A 18 -9.39 8.00 0.97
C GLU A 18 -7.93 7.73 1.29
N LYS A 19 -7.55 7.96 2.55
CA LYS A 19 -6.26 7.67 3.17
C LYS A 19 -5.81 6.25 2.85
N LEU A 20 -6.71 5.27 2.83
CA LEU A 20 -6.40 3.87 2.47
C LEU A 20 -5.59 3.77 1.15
N LYS A 21 -6.09 4.33 0.04
CA LYS A 21 -5.37 4.37 -1.25
C LYS A 21 -4.40 5.55 -1.34
N ASN A 22 -4.66 6.65 -0.64
CA ASN A 22 -3.77 7.79 -0.61
C ASN A 22 -2.42 7.44 0.01
N VAL A 23 -2.36 6.88 1.24
CA VAL A 23 -1.12 6.52 1.97
C VAL A 23 -0.16 5.68 1.14
N ILE A 24 -0.69 4.83 0.25
CA ILE A 24 0.08 4.13 -0.77
C ILE A 24 0.97 5.10 -1.55
N HIS A 25 0.43 6.20 -2.10
CA HIS A 25 1.22 7.17 -2.87
C HIS A 25 2.27 7.87 -2.00
N LYS A 26 1.92 8.25 -0.76
CA LYS A 26 2.84 8.92 0.19
C LYS A 26 3.98 7.99 0.61
N ILE A 27 3.67 6.78 1.08
CA ILE A 27 4.68 5.80 1.50
C ILE A 27 5.59 5.43 0.34
N PHE A 28 5.03 5.18 -0.84
CA PHE A 28 5.83 4.75 -1.98
C PHE A 28 6.53 5.89 -2.73
N SER A 29 6.24 7.15 -2.37
CA SER A 29 6.85 8.35 -2.95
C SER A 29 8.37 8.44 -2.69
N LYS A 30 8.90 7.90 -1.59
CA LYS A 30 10.35 7.91 -1.31
C LYS A 30 11.15 7.07 -2.32
N PHE A 31 10.52 6.09 -2.97
CA PHE A 31 11.16 5.20 -3.96
C PHE A 31 10.94 5.67 -5.41
N GLY A 32 10.05 6.65 -5.65
CA GLY A 32 9.72 7.16 -6.97
C GLY A 32 8.28 7.67 -7.07
N LYS A 33 7.60 7.35 -8.17
CA LYS A 33 6.20 7.70 -8.41
C LYS A 33 5.47 6.48 -8.99
N ILE A 34 4.26 6.24 -8.51
CA ILE A 34 3.40 5.14 -8.94
C ILE A 34 2.44 5.66 -10.02
N THR A 35 2.40 4.97 -11.17
CA THR A 35 1.54 5.28 -12.31
C THR A 35 0.21 4.49 -12.34
N ASN A 36 0.18 3.26 -11.80
CA ASN A 36 -1.02 2.43 -11.73
C ASN A 36 -1.51 2.24 -10.28
N ASP A 37 -2.79 1.90 -10.08
CA ASP A 37 -3.34 1.57 -8.77
C ASP A 37 -4.69 0.83 -8.90
N PHE A 38 -4.81 -0.36 -8.30
CA PHE A 38 -6.03 -1.18 -8.36
C PHE A 38 -6.42 -1.73 -6.98
N TYR A 39 -7.67 -1.47 -6.61
CA TYR A 39 -8.31 -1.82 -5.34
C TYR A 39 -9.52 -2.72 -5.63
N PRO A 40 -9.35 -4.06 -5.75
CA PRO A 40 -10.44 -5.00 -5.93
C PRO A 40 -11.29 -5.13 -4.65
N GLU A 41 -12.41 -5.85 -4.72
CA GLU A 41 -13.30 -6.16 -3.59
C GLU A 41 -13.92 -7.55 -3.73
N GLU A 42 -14.62 -8.00 -2.69
CA GLU A 42 -15.34 -9.27 -2.63
C GLU A 42 -16.85 -9.00 -2.55
N ASP A 43 -17.59 -9.29 -3.62
CA ASP A 43 -19.05 -9.11 -3.69
C ASP A 43 -19.55 -7.70 -3.32
N GLY A 44 -18.71 -6.66 -3.50
CA GLY A 44 -19.02 -5.28 -3.09
C GLY A 44 -18.75 -4.99 -1.60
N LYS A 45 -18.05 -5.89 -0.90
CA LYS A 45 -17.71 -5.84 0.54
C LYS A 45 -16.20 -5.64 0.71
N THR A 46 -15.76 -5.58 1.97
CA THR A 46 -14.38 -5.30 2.38
C THR A 46 -13.35 -6.22 1.74
N LYS A 47 -12.41 -5.65 0.97
CA LYS A 47 -11.27 -6.37 0.36
C LYS A 47 -10.25 -6.88 1.39
N GLY A 48 -9.23 -7.57 0.89
CA GLY A 48 -8.06 -8.02 1.63
C GLY A 48 -6.71 -7.88 0.91
N TYR A 49 -6.70 -7.47 -0.37
CA TYR A 49 -5.50 -7.40 -1.23
C TYR A 49 -5.63 -6.19 -2.18
N ILE A 50 -4.50 -5.67 -2.68
CA ILE A 50 -4.42 -4.60 -3.70
C ILE A 50 -3.31 -4.89 -4.73
N PHE A 51 -3.29 -4.18 -5.85
CA PHE A 51 -2.30 -4.33 -6.92
C PHE A 51 -1.84 -2.96 -7.41
N LEU A 52 -0.52 -2.75 -7.48
CA LEU A 52 0.13 -1.52 -7.94
C LEU A 52 1.23 -1.84 -8.96
N GLU A 53 1.46 -0.96 -9.95
CA GLU A 53 2.50 -1.09 -10.97
C GLU A 53 3.27 0.23 -11.13
N TYR A 54 4.60 0.15 -11.03
CA TYR A 54 5.50 1.28 -11.25
C TYR A 54 5.87 1.43 -12.73
N ALA A 55 6.48 2.57 -13.05
CA ALA A 55 7.04 2.87 -14.37
C ALA A 55 8.36 2.11 -14.68
N SER A 56 8.93 1.35 -13.72
CA SER A 56 10.26 0.73 -13.82
C SER A 56 10.50 -0.41 -12.83
N PRO A 57 11.38 -1.38 -13.16
CA PRO A 57 11.60 -2.58 -12.36
C PRO A 57 12.24 -2.24 -11.02
N ALA A 58 13.30 -1.44 -11.05
CA ALA A 58 14.05 -0.92 -9.91
C ALA A 58 13.17 -0.20 -8.86
N HIS A 59 11.95 0.22 -9.21
CA HIS A 59 11.00 0.84 -8.27
C HIS A 59 10.20 -0.25 -7.55
N ALA A 60 9.63 -1.21 -8.29
CA ALA A 60 8.88 -2.34 -7.75
C ALA A 60 9.75 -3.28 -6.90
N VAL A 61 10.87 -3.78 -7.47
CA VAL A 61 11.76 -4.74 -6.78
C VAL A 61 12.28 -4.17 -5.45
N ASP A 62 12.52 -2.86 -5.44
CA ASP A 62 12.82 -2.06 -4.26
C ASP A 62 11.61 -2.00 -3.33
N ALA A 63 10.48 -1.40 -3.75
CA ALA A 63 9.28 -1.21 -2.95
C ALA A 63 8.79 -2.48 -2.22
N VAL A 64 8.81 -3.64 -2.89
CA VAL A 64 8.50 -4.94 -2.27
C VAL A 64 9.39 -5.22 -1.05
N LYS A 65 10.70 -5.07 -1.22
CA LYS A 65 11.74 -5.32 -0.22
C LYS A 65 11.94 -4.14 0.74
N ASN A 66 11.26 -3.01 0.52
CA ASN A 66 11.34 -1.79 1.34
C ASN A 66 10.03 -1.47 2.10
N ALA A 67 8.86 -2.01 1.72
CA ALA A 67 7.60 -1.78 2.42
C ALA A 67 6.98 -3.08 2.97
N ASP A 68 7.78 -4.15 3.09
CA ASP A 68 7.39 -5.46 3.62
C ASP A 68 6.75 -5.38 5.02
N GLY A 69 5.44 -5.13 5.07
CA GLY A 69 4.63 -5.14 6.28
C GLY A 69 4.44 -3.76 6.88
N TYR A 70 3.35 -3.10 6.47
CA TYR A 70 3.02 -1.76 6.94
C TYR A 70 2.65 -1.71 8.43
N LYS A 71 2.98 -0.61 9.10
CA LYS A 71 2.67 -0.40 10.53
C LYS A 71 1.33 0.32 10.77
N LEU A 72 0.21 -0.36 10.48
CA LEU A 72 -1.17 0.19 10.58
C LEU A 72 -1.41 0.97 11.88
N ASP A 73 -0.94 0.35 12.97
CA ASP A 73 -0.87 0.89 14.32
C ASP A 73 0.35 0.28 15.03
N LYS A 74 0.31 -1.04 15.30
CA LYS A 74 1.37 -1.78 16.00
C LYS A 74 1.32 -3.28 15.71
N GLN A 75 0.18 -3.92 16.00
CA GLN A 75 -0.05 -5.37 15.91
C GLN A 75 -0.53 -5.83 14.54
N HIS A 76 -1.24 -4.98 13.80
CA HIS A 76 -1.81 -5.27 12.48
C HIS A 76 -0.74 -5.04 11.41
N THR A 77 -0.28 -6.14 10.80
CA THR A 77 0.81 -6.17 9.82
C THR A 77 0.37 -6.83 8.50
N PHE A 78 1.12 -6.55 7.45
CA PHE A 78 0.81 -6.91 6.05
C PHE A 78 2.00 -7.65 5.44
N ARG A 79 1.85 -8.11 4.19
CA ARG A 79 2.90 -8.86 3.47
C ARG A 79 3.00 -8.35 2.03
N VAL A 80 3.94 -7.44 1.77
CA VAL A 80 4.17 -6.88 0.43
C VAL A 80 5.11 -7.80 -0.33
N ASN A 81 4.65 -8.35 -1.46
CA ASN A 81 5.40 -9.23 -2.35
C ASN A 81 5.17 -8.83 -3.83
N ASP B 1 -2.17 11.31 4.82
CA ASP B 1 -1.38 12.44 4.32
C ASP B 1 -0.09 12.67 5.12
N GLU B 2 0.47 11.59 5.72
CA GLU B 2 1.71 11.61 6.51
C GLU B 2 1.62 12.48 7.79
N ASP B 3 0.40 12.92 8.13
CA ASP B 3 0.10 13.85 9.24
C ASP B 3 0.45 13.29 10.65
N VAL B 4 0.49 11.96 10.82
CA VAL B 4 0.79 11.26 12.09
C VAL B 4 2.06 10.40 11.94
N LYS B 5 3.18 11.07 11.68
CA LYS B 5 4.45 10.51 11.19
C LYS B 5 4.21 9.69 9.91
N ASP B 6 3.85 8.41 10.06
CA ASP B 6 3.77 7.40 8.99
C ASP B 6 3.21 6.04 9.47
N ASN B 7 1.94 5.97 9.92
CA ASN B 7 1.21 4.73 10.29
C ASN B 7 0.95 3.74 9.11
N TRP B 8 1.78 3.81 8.08
CA TRP B 8 1.78 2.94 6.91
C TRP B 8 3.20 2.71 6.33
N ASP B 9 4.29 3.21 6.93
CA ASP B 9 5.68 2.92 6.48
C ASP B 9 6.11 1.46 6.66
N ASP B 10 7.42 1.17 6.56
CA ASP B 10 8.00 -0.13 6.89
C ASP B 10 8.66 -0.15 8.28
N ASP B 11 8.73 -1.33 8.91
CA ASP B 11 9.47 -1.54 10.16
C ASP B 11 10.89 -2.06 9.87
N ASP A 1 8.26 -8.67 -12.56
CA ASP A 1 9.24 -7.92 -11.75
C ASP A 1 9.13 -6.37 -11.74
N SER A 2 8.04 -5.82 -12.26
CA SER A 2 7.72 -4.40 -12.47
C SER A 2 6.53 -3.91 -11.62
N VAL A 3 5.96 -4.79 -10.77
CA VAL A 3 4.75 -4.50 -10.00
C VAL A 3 4.88 -4.99 -8.57
N ILE A 4 3.93 -4.56 -7.72
CA ILE A 4 3.85 -4.97 -6.33
C ILE A 4 2.43 -5.35 -5.93
N VAL A 5 2.34 -6.19 -4.91
CA VAL A 5 1.11 -6.68 -4.31
C VAL A 5 1.26 -6.68 -2.80
N VAL A 6 0.15 -6.58 -2.08
CA VAL A 6 0.07 -6.61 -0.63
C VAL A 6 -1.04 -7.58 -0.21
N ASP A 7 -0.93 -8.09 1.00
CA ASP A 7 -1.92 -8.95 1.62
C ASP A 7 -2.28 -8.43 3.01
N ASN A 8 -3.38 -8.95 3.58
CA ASN A 8 -3.98 -8.53 4.84
C ASN A 8 -4.40 -7.04 4.88
N VAL A 9 -4.87 -6.47 3.77
CA VAL A 9 -5.33 -5.07 3.65
C VAL A 9 -6.86 -4.94 3.66
N PRO A 10 -7.50 -4.92 4.86
CA PRO A 10 -8.93 -4.71 4.98
C PRO A 10 -9.33 -3.27 4.60
N GLN A 11 -10.59 -3.10 4.19
CA GLN A 11 -11.20 -1.78 3.98
C GLN A 11 -11.57 -1.12 5.33
N VAL A 12 -11.87 0.18 5.28
CA VAL A 12 -12.22 1.04 6.43
C VAL A 12 -13.42 1.91 6.07
N GLY A 13 -14.02 2.54 7.09
CA GLY A 13 -15.18 3.40 6.93
C GLY A 13 -14.85 4.79 6.34
N PRO A 14 -15.84 5.71 6.33
CA PRO A 14 -15.68 7.06 5.83
C PRO A 14 -14.66 7.86 6.65
N ASP A 15 -14.27 9.04 6.13
CA ASP A 15 -13.28 9.93 6.75
C ASP A 15 -11.88 9.29 6.87
N ARG A 16 -11.66 8.14 6.22
CA ARG A 16 -10.42 7.35 6.24
C ARG A 16 -10.22 6.49 4.97
N LEU A 17 -11.30 6.06 4.30
CA LEU A 17 -11.21 5.27 3.05
C LEU A 17 -10.31 5.90 1.96
N GLU A 18 -10.26 7.22 1.90
CA GLU A 18 -9.45 7.98 0.94
C GLU A 18 -7.97 7.78 1.25
N LYS A 19 -7.61 7.91 2.54
CA LYS A 19 -6.27 7.68 3.08
C LYS A 19 -5.76 6.30 2.66
N LEU A 20 -6.63 5.27 2.59
CA LEU A 20 -6.27 3.91 2.19
C LEU A 20 -5.44 3.86 0.88
N LYS A 21 -5.87 4.56 -0.18
CA LYS A 21 -5.14 4.68 -1.45
C LYS A 21 -4.22 5.90 -1.48
N ASN A 22 -4.55 6.97 -0.75
CA ASN A 22 -3.66 8.14 -0.61
C ASN A 22 -2.32 7.75 0.01
N VAL A 23 -2.29 7.15 1.21
CA VAL A 23 -1.08 6.74 1.94
C VAL A 23 -0.19 5.90 1.05
N ILE A 24 -0.76 5.04 0.19
CA ILE A 24 -0.04 4.27 -0.82
C ILE A 24 0.82 5.19 -1.70
N HIS A 25 0.26 6.29 -2.22
CA HIS A 25 1.00 7.24 -3.06
C HIS A 25 2.11 7.95 -2.30
N LYS A 26 1.96 8.18 -0.99
CA LYS A 26 2.98 8.87 -0.16
C LYS A 26 4.06 7.90 0.32
N ILE A 27 3.69 6.75 0.89
CA ILE A 27 4.66 5.77 1.38
C ILE A 27 5.61 5.29 0.29
N PHE A 28 5.08 5.15 -0.93
CA PHE A 28 5.86 4.68 -2.07
C PHE A 28 6.49 5.84 -2.86
N SER A 29 6.28 7.10 -2.42
CA SER A 29 6.82 8.31 -3.01
C SER A 29 8.32 8.42 -2.79
N LYS A 30 8.83 8.00 -1.61
CA LYS A 30 10.28 8.05 -1.31
C LYS A 30 11.13 7.22 -2.30
N PHE A 31 10.50 6.21 -2.93
CA PHE A 31 11.14 5.36 -3.93
C PHE A 31 10.94 5.86 -5.37
N GLY A 32 10.11 6.90 -5.59
CA GLY A 32 9.79 7.45 -6.92
C GLY A 32 8.31 7.82 -7.07
N LYS A 33 7.72 7.65 -8.25
CA LYS A 33 6.28 7.89 -8.50
C LYS A 33 5.59 6.62 -9.00
N ILE A 34 4.38 6.35 -8.50
CA ILE A 34 3.53 5.25 -8.94
C ILE A 34 2.62 5.72 -10.08
N THR A 35 2.49 4.92 -11.14
CA THR A 35 1.63 5.23 -12.29
C THR A 35 0.35 4.39 -12.39
N ASN A 36 0.24 3.25 -11.70
CA ASN A 36 -0.98 2.42 -11.67
C ASN A 36 -1.45 2.17 -10.25
N ASP A 37 -2.75 1.85 -10.07
CA ASP A 37 -3.35 1.64 -8.75
C ASP A 37 -4.72 0.94 -8.84
N PHE A 38 -4.84 -0.28 -8.30
CA PHE A 38 -6.09 -1.04 -8.34
C PHE A 38 -6.45 -1.59 -6.95
N TYR A 39 -7.71 -1.32 -6.57
CA TYR A 39 -8.31 -1.69 -5.29
C TYR A 39 -9.54 -2.58 -5.56
N PRO A 40 -9.36 -3.91 -5.70
CA PRO A 40 -10.47 -4.85 -5.90
C PRO A 40 -11.32 -4.98 -4.63
N GLU A 41 -12.45 -5.69 -4.71
CA GLU A 41 -13.34 -6.00 -3.58
C GLU A 41 -13.95 -7.40 -3.71
N GLU A 42 -14.67 -7.83 -2.67
CA GLU A 42 -15.37 -9.11 -2.62
C GLU A 42 -16.88 -8.90 -2.54
N ASP A 43 -17.60 -9.19 -3.64
CA ASP A 43 -19.05 -9.01 -3.74
C ASP A 43 -19.54 -7.58 -3.41
N GLY A 44 -18.67 -6.57 -3.57
CA GLY A 44 -18.97 -5.18 -3.19
C GLY A 44 -18.68 -4.89 -1.70
N LYS A 45 -17.98 -5.79 -0.99
CA LYS A 45 -17.64 -5.70 0.43
C LYS A 45 -16.13 -5.58 0.61
N THR A 46 -15.74 -5.31 1.86
CA THR A 46 -14.36 -5.06 2.31
C THR A 46 -13.35 -6.09 1.72
N LYS A 47 -12.41 -5.58 0.92
CA LYS A 47 -11.28 -6.30 0.34
C LYS A 47 -10.27 -6.75 1.39
N GLY A 48 -9.24 -7.44 0.90
CA GLY A 48 -8.07 -7.89 1.65
C GLY A 48 -6.72 -7.78 0.90
N TYR A 49 -6.69 -7.34 -0.36
CA TYR A 49 -5.53 -7.29 -1.25
C TYR A 49 -5.65 -6.09 -2.20
N ILE A 50 -4.52 -5.54 -2.66
CA ILE A 50 -4.43 -4.45 -3.65
C ILE A 50 -3.34 -4.76 -4.68
N PHE A 51 -3.35 -4.05 -5.81
CA PHE A 51 -2.40 -4.24 -6.91
C PHE A 51 -1.89 -2.87 -7.39
N LEU A 52 -0.56 -2.70 -7.40
CA LEU A 52 0.12 -1.48 -7.83
C LEU A 52 1.22 -1.80 -8.85
N GLU A 53 1.37 -0.96 -9.88
CA GLU A 53 2.37 -1.14 -10.94
C GLU A 53 3.20 0.12 -11.13
N TYR A 54 4.52 -0.02 -11.03
CA TYR A 54 5.45 1.09 -11.22
C TYR A 54 5.85 1.24 -12.69
N ALA A 55 6.61 2.30 -12.96
CA ALA A 55 7.15 2.58 -14.29
C ALA A 55 8.48 1.84 -14.57
N SER A 56 9.02 1.06 -13.63
CA SER A 56 10.27 0.31 -13.80
C SER A 56 10.40 -0.89 -12.85
N PRO A 57 11.29 -1.86 -13.15
CA PRO A 57 11.54 -3.00 -12.27
C PRO A 57 12.24 -2.57 -10.99
N ALA A 58 13.32 -1.78 -11.11
CA ALA A 58 14.09 -1.25 -9.98
C ALA A 58 13.21 -0.53 -8.94
N HIS A 59 12.10 0.08 -9.37
CA HIS A 59 11.13 0.74 -8.50
C HIS A 59 10.27 -0.28 -7.71
N ALA A 60 9.74 -1.29 -8.39
CA ALA A 60 8.95 -2.38 -7.80
C ALA A 60 9.79 -3.24 -6.84
N VAL A 61 10.92 -3.76 -7.33
CA VAL A 61 11.80 -4.65 -6.54
C VAL A 61 12.31 -3.95 -5.27
N ASP A 62 12.57 -2.64 -5.35
CA ASP A 62 12.92 -1.81 -4.21
C ASP A 62 11.73 -1.69 -3.24
N ALA A 63 10.56 -1.22 -3.69
CA ALA A 63 9.39 -1.02 -2.84
C ALA A 63 9.03 -2.28 -2.02
N VAL A 64 9.06 -3.46 -2.66
CA VAL A 64 8.83 -4.76 -1.98
C VAL A 64 9.82 -5.04 -0.86
N LYS A 65 11.07 -4.58 -1.00
CA LYS A 65 12.16 -4.78 -0.04
C LYS A 65 12.28 -3.61 0.95
N ASN A 66 11.34 -2.64 0.92
CA ASN A 66 11.35 -1.49 1.82
C ASN A 66 10.05 -1.30 2.60
N ALA A 67 8.91 -1.74 2.05
CA ALA A 67 7.59 -1.56 2.68
C ALA A 67 6.96 -2.90 3.08
N ASP A 68 7.79 -3.93 3.28
CA ASP A 68 7.51 -5.32 3.63
C ASP A 68 6.77 -5.55 4.98
N GLY A 69 5.61 -4.91 5.16
CA GLY A 69 4.72 -5.07 6.32
C GLY A 69 4.40 -3.76 7.03
N TYR A 70 3.41 -3.02 6.52
CA TYR A 70 2.98 -1.70 6.99
C TYR A 70 2.53 -1.70 8.48
N LYS A 71 2.76 -0.58 9.17
CA LYS A 71 2.44 -0.43 10.60
C LYS A 71 1.07 0.25 10.87
N LEU A 72 -0.03 -0.49 10.61
CA LEU A 72 -1.42 -0.05 10.89
C LEU A 72 -1.78 0.02 12.40
N ASP A 73 -0.80 -0.15 13.29
CA ASP A 73 -0.98 -0.13 14.75
C ASP A 73 -1.82 -1.31 15.27
N LYS A 74 -1.48 -2.53 14.80
CA LYS A 74 -2.14 -3.79 15.14
C LYS A 74 -1.15 -4.95 15.28
N GLN A 75 -1.67 -6.08 15.74
CA GLN A 75 -0.98 -7.36 15.96
C GLN A 75 -0.66 -8.11 14.65
N HIS A 76 -1.56 -8.08 13.66
CA HIS A 76 -1.38 -8.69 12.34
C HIS A 76 -0.77 -7.67 11.39
N THR A 77 0.26 -8.10 10.65
CA THR A 77 1.03 -7.26 9.73
C THR A 77 0.78 -7.68 8.27
N PHE A 78 1.10 -6.80 7.33
CA PHE A 78 0.90 -7.03 5.90
C PHE A 78 2.10 -7.78 5.30
N ARG A 79 1.96 -8.22 4.04
CA ARG A 79 3.00 -8.97 3.31
C ARG A 79 3.17 -8.46 1.87
N VAL A 80 3.98 -7.41 1.70
CA VAL A 80 4.27 -6.84 0.38
C VAL A 80 5.21 -7.77 -0.39
N ASN A 81 4.77 -8.24 -1.57
CA ASN A 81 5.51 -9.14 -2.46
C ASN A 81 5.26 -8.79 -3.95
N ASP B 1 1.15 9.20 4.15
CA ASP B 1 -0.03 10.07 4.09
C ASP B 1 0.38 11.55 3.97
N GLU B 2 1.32 11.96 4.81
CA GLU B 2 1.86 13.31 4.98
C GLU B 2 3.10 13.20 5.88
N ASP B 3 3.83 14.31 6.08
CA ASP B 3 5.01 14.37 6.94
C ASP B 3 4.70 14.14 8.44
N VAL B 4 3.42 14.09 8.82
CA VAL B 4 2.95 13.84 10.19
C VAL B 4 3.62 12.65 10.87
N LYS B 5 3.75 11.51 10.16
CA LYS B 5 4.24 10.20 10.63
C LYS B 5 4.00 9.12 9.59
N ASP B 6 4.58 7.96 9.86
CA ASP B 6 4.71 6.81 8.95
C ASP B 6 3.83 5.63 9.39
N ASN B 7 2.57 5.92 9.75
CA ASN B 7 1.54 4.94 10.14
C ASN B 7 1.20 3.88 9.06
N TRP B 8 1.90 3.91 7.92
CA TRP B 8 1.78 2.96 6.83
C TRP B 8 3.13 2.56 6.22
N ASP B 9 4.29 2.97 6.79
CA ASP B 9 5.59 2.72 6.15
C ASP B 9 6.25 1.46 6.74
N ASP B 10 7.55 1.50 6.97
CA ASP B 10 8.29 0.46 7.64
C ASP B 10 9.48 1.04 8.38
N ASP B 11 10.16 0.24 9.20
CA ASP B 11 11.43 0.59 9.83
C ASP B 11 12.22 -0.69 10.21
#